data_6DUE
#
_entry.id   6DUE
#
_cell.length_a   99.250
_cell.length_b   96.230
_cell.length_c   92.050
_cell.angle_alpha   90.000
_cell.angle_beta   110.980
_cell.angle_gamma   90.000
#
_symmetry.space_group_name_H-M   'C 1 2 1'
#
loop_
_entity.id
_entity.type
_entity.pdbx_description
1 polymer 'Myosin A'
2 non-polymer "ADENOSINE-5'-DIPHOSPHATE"
3 non-polymer 'TETRAFLUOROALUMINATE ION'
4 non-polymer 'MAGNESIUM ION'
5 non-polymer GLYCEROL
6 water water
#
_entity_poly.entity_id   1
_entity_poly.type   'polypeptide(L)'
_entity_poly.pdbx_seq_one_letter_code
;MASKTTSEELKTATALKKRSSDVHAVDHSGNVYKGFQIWTDLAPSVKEEPDLMFAKCIVQAGTDKGNLTCVQIDPPGFDE
PFEVPQANAWNVNSLIDPMTYGDIGMLPHTNIPCVLDFLKVRFMKNQIYTTADPLVVAINPFRDLGNTTLDWIVRYRDTF
DLSKLAPHVFYTARRALDNLHAVNKSQTIIVSGESGAGKTEATKQIMRYFAAAKTGSMDLRIQNAIMAANPVLEAFGNAK
TIRNNNSSRFGRFMQLDVGREGGIKFGSVVAFLLEKSRVLTQDEQERSYHIFYQMCKGADAAMKERFHILPLSEYKYINP
LCLDAPGIDDVAEFHEVCESFRSMNLTEDEVASVWSIVSGVLLLGNVEVTATKDGGIDDAAAIEGKNLEVFKKACGLLFL
DAERIREELTVKVSYAGNQEIRGRWKQEDGDMLKSSLAKAMYDKLFMWIIAVLNRSIKPPGGFKIFMGMLDIFGFEVFKN
NSLEQFFINITNEMLQKNFVDIVFDRESKLYRDEGVSSKELIFTSNAEVIKILTAKNNSVLAALEDQCLAPGGSDEKFLS
TCKNALKGTTKFKPAKVSPNINFLISHTVGDIQYNAEGFLFKNKDVLRAEIMEIVQQSKNPVVAQLFAGIVMEKGKMAKG
QLIGSQFLSQLQSLMELINSTEPHFIRCIKPNDTKKPLDWVPSKMLIQLHALSVLEALQLRQLGYSYRRPFKEFLFQFKF
IDLSASENPNLDPKEAALRLLKSSKLPSEEYQLGKTMVFLKQTGAKELTQIQRECLSSAAAENLYFQ
;
_entity_poly.pdbx_strand_id   A
#
# COMPACT_ATOMS: atom_id res chain seq x y z
N TYR A 33 -18.58 38.40 5.84
CA TYR A 33 -19.75 37.56 5.97
C TYR A 33 -19.50 36.41 6.94
N LYS A 34 -18.90 36.72 8.08
CA LYS A 34 -18.48 35.71 9.04
C LYS A 34 -19.07 36.01 10.41
N GLY A 35 -19.09 34.98 11.26
CA GLY A 35 -19.68 35.07 12.58
C GLY A 35 -18.76 35.71 13.60
N PHE A 36 -19.07 35.47 14.88
CA PHE A 36 -18.35 36.09 15.98
C PHE A 36 -17.10 35.33 16.39
N GLN A 37 -16.98 34.07 16.02
CA GLN A 37 -15.77 33.29 16.27
C GLN A 37 -15.02 33.08 14.95
N ILE A 38 -13.70 33.21 15.01
CA ILE A 38 -12.87 33.05 13.83
C ILE A 38 -11.68 32.17 14.16
N TRP A 39 -11.17 31.48 13.14
CA TRP A 39 -9.86 30.86 13.19
C TRP A 39 -8.83 31.86 12.69
N THR A 40 -7.63 31.79 13.26
CA THR A 40 -6.62 32.81 13.03
C THR A 40 -5.33 32.17 12.51
N ASP A 41 -4.78 32.76 11.45
CA ASP A 41 -3.45 32.38 10.96
C ASP A 41 -2.34 33.15 11.69
N LEU A 42 -2.61 34.41 12.05
CA LEU A 42 -1.65 35.27 12.74
C LEU A 42 -2.17 35.51 14.16
N ALA A 43 -1.81 34.61 15.06
CA ALA A 43 -2.25 34.61 16.44
C ALA A 43 -1.05 34.36 17.35
N PRO A 44 -1.17 34.65 18.65
CA PRO A 44 -0.03 34.45 19.55
C PRO A 44 0.37 32.99 19.73
N SER A 45 -0.60 32.10 19.95
CA SER A 45 -0.27 30.71 20.20
C SER A 45 0.19 29.95 18.96
N VAL A 46 -0.02 30.51 17.77
CA VAL A 46 0.39 29.84 16.54
C VAL A 46 1.74 30.39 16.09
N LYS A 47 2.01 31.66 16.40
CA LYS A 47 3.34 32.21 16.11
C LYS A 47 4.38 31.69 17.08
N GLU A 48 3.97 31.18 18.23
CA GLU A 48 4.88 30.62 19.21
C GLU A 48 5.11 29.13 19.02
N GLU A 49 4.07 28.40 18.62
CA GLU A 49 4.15 26.96 18.35
C GLU A 49 3.54 26.70 16.99
N PRO A 50 4.31 26.90 15.91
CA PRO A 50 3.74 26.80 14.56
C PRO A 50 3.23 25.42 14.19
N ASP A 51 3.60 24.38 14.94
CA ASP A 51 3.12 23.03 14.63
C ASP A 51 1.60 22.96 14.73
N LEU A 52 1.03 23.53 15.80
CA LEU A 52 -0.40 23.80 15.82
C LEU A 52 -0.64 25.07 15.00
N MET A 53 -1.46 24.97 13.96
CA MET A 53 -1.49 25.98 12.92
C MET A 53 -2.62 26.99 13.05
N PHE A 54 -3.55 26.80 13.98
CA PHE A 54 -4.68 27.72 14.07
C PHE A 54 -5.13 27.84 15.51
N ALA A 55 -5.68 29.01 15.84
CA ALA A 55 -6.27 29.29 17.13
C ALA A 55 -7.68 29.82 16.93
N LYS A 56 -8.58 29.46 17.84
CA LYS A 56 -9.97 29.90 17.79
C LYS A 56 -10.16 31.06 18.76
N CYS A 57 -10.73 32.15 18.26
CA CYS A 57 -10.87 33.37 19.03
C CYS A 57 -12.25 33.99 18.81
N ILE A 58 -12.74 34.71 19.82
CA ILE A 58 -14.02 35.39 19.77
C ILE A 58 -13.79 36.84 19.41
N VAL A 59 -14.55 37.35 18.45
CA VAL A 59 -14.34 38.70 17.95
C VAL A 59 -15.08 39.69 18.84
N GLN A 60 -14.36 40.71 19.32
CA GLN A 60 -14.92 41.71 20.20
C GLN A 60 -15.22 43.03 19.51
N ALA A 61 -14.61 43.29 18.36
CA ALA A 61 -14.82 44.53 17.62
C ALA A 61 -14.22 44.37 16.23
N GLY A 62 -14.59 45.27 15.34
CA GLY A 62 -14.10 45.26 13.99
C GLY A 62 -15.15 45.77 13.02
N THR A 63 -14.88 45.56 11.74
CA THR A 63 -15.80 45.96 10.68
C THR A 63 -15.46 45.17 9.43
N ASP A 64 -16.32 45.29 8.42
CA ASP A 64 -16.10 44.58 7.16
C ASP A 64 -14.91 45.17 6.43
N LYS A 65 -13.97 44.29 6.06
CA LYS A 65 -12.72 44.68 5.41
C LYS A 65 -11.94 45.68 6.27
N GLY A 66 -11.93 45.42 7.58
CA GLY A 66 -11.06 46.13 8.50
C GLY A 66 -10.45 45.16 9.48
N ASN A 67 -9.54 45.67 10.29
CA ASN A 67 -8.88 44.81 11.28
C ASN A 67 -9.83 44.48 12.43
N LEU A 68 -9.67 43.27 12.96
CA LEU A 68 -10.54 42.75 14.01
C LEU A 68 -9.76 42.62 15.31
N THR A 69 -10.42 42.91 16.43
CA THR A 69 -9.84 42.77 17.75
C THR A 69 -10.51 41.59 18.45
N CYS A 70 -9.73 40.57 18.79
CA CYS A 70 -10.29 39.33 19.31
C CYS A 70 -9.32 38.70 20.30
N VAL A 71 -9.84 37.78 21.12
CA VAL A 71 -9.06 37.04 22.10
C VAL A 71 -9.31 35.55 21.88
N GLN A 72 -8.26 34.74 22.03
CA GLN A 72 -8.35 33.32 21.74
C GLN A 72 -8.68 32.53 22.99
N ILE A 73 -9.36 31.40 22.79
CA ILE A 73 -9.87 30.59 23.91
C ILE A 73 -9.50 29.12 23.73
N ASP A 74 -9.61 28.61 22.50
CA ASP A 74 -9.34 27.19 22.29
C ASP A 74 -7.95 26.77 22.76
N PRO A 75 -6.89 27.56 22.53
CA PRO A 75 -5.72 27.47 23.41
C PRO A 75 -5.88 28.45 24.56
N PRO A 76 -6.33 27.97 25.73
CA PRO A 76 -6.74 28.90 26.80
C PRO A 76 -5.57 29.62 27.48
N GLY A 77 -4.36 29.46 26.93
CA GLY A 77 -3.20 30.08 27.55
C GLY A 77 -3.23 31.60 27.50
N PHE A 78 -3.69 32.15 26.38
CA PHE A 78 -3.69 33.59 26.17
C PHE A 78 -5.06 34.16 26.52
N ASP A 79 -5.14 34.85 27.66
CA ASP A 79 -6.36 35.50 28.12
C ASP A 79 -6.34 37.00 27.86
N GLU A 80 -5.49 37.46 26.96
CA GLU A 80 -5.31 38.87 26.66
C GLU A 80 -5.73 39.17 25.22
N PRO A 81 -6.09 40.43 24.92
CA PRO A 81 -6.54 40.76 23.57
C PRO A 81 -5.39 40.89 22.59
N PHE A 82 -5.74 40.80 21.30
CA PHE A 82 -4.81 41.03 20.20
C PHE A 82 -5.62 41.38 18.96
N GLU A 83 -4.92 41.68 17.88
CA GLU A 83 -5.55 42.14 16.64
C GLU A 83 -5.19 41.20 15.48
N VAL A 84 -6.09 41.14 14.50
CA VAL A 84 -5.90 40.30 13.32
C VAL A 84 -6.50 41.03 12.12
N PRO A 85 -5.88 40.95 10.92
CA PRO A 85 -6.49 41.57 9.74
C PRO A 85 -7.83 40.94 9.35
N GLN A 86 -8.49 41.51 8.35
CA GLN A 86 -9.73 40.90 7.85
C GLN A 86 -9.45 39.55 7.22
N ALA A 87 -8.41 39.45 6.40
CA ALA A 87 -7.90 38.16 5.98
C ALA A 87 -7.27 37.45 7.18
N ASN A 88 -6.88 36.20 6.96
CA ASN A 88 -6.39 35.34 8.04
C ASN A 88 -7.43 35.20 9.14
N ALA A 89 -8.69 35.05 8.73
CA ALA A 89 -9.81 34.94 9.65
C ALA A 89 -10.91 34.13 8.98
N TRP A 90 -11.21 32.95 9.53
CA TRP A 90 -12.14 32.01 8.91
C TRP A 90 -13.25 31.66 9.89
N ASN A 91 -14.44 31.37 9.34
CA ASN A 91 -15.55 30.94 10.16
C ASN A 91 -15.23 29.62 10.86
N VAL A 92 -16.01 29.33 11.90
CA VAL A 92 -15.60 28.40 12.94
C VAL A 92 -16.41 27.10 12.96
N ASN A 93 -17.69 27.12 12.58
CA ASN A 93 -18.62 26.01 12.82
C ASN A 93 -18.81 25.85 14.32
N SER A 94 -19.39 26.86 14.97
CA SER A 94 -19.35 26.95 16.42
C SER A 94 -20.32 25.99 17.09
N LEU A 95 -21.54 25.85 16.56
CA LEU A 95 -22.62 25.16 17.24
C LEU A 95 -22.73 23.69 16.88
N ILE A 96 -21.84 23.16 16.05
CA ILE A 96 -21.98 21.80 15.57
C ILE A 96 -21.61 20.80 16.66
N ASP A 97 -22.33 19.66 16.69
CA ASP A 97 -21.84 18.48 17.37
C ASP A 97 -21.09 17.63 16.33
N PRO A 98 -19.76 17.64 16.34
CA PRO A 98 -19.01 16.96 15.27
C PRO A 98 -19.28 15.47 15.19
N MET A 99 -19.85 14.87 16.23
CA MET A 99 -20.15 13.44 16.20
C MET A 99 -21.42 13.11 15.41
N THR A 100 -22.12 14.12 14.89
CA THR A 100 -23.33 13.90 14.12
C THR A 100 -23.15 14.15 12.62
N TYR A 101 -21.99 14.64 12.19
CA TYR A 101 -21.69 14.89 10.79
C TYR A 101 -20.70 13.84 10.34
N GLY A 102 -21.10 13.01 9.37
CA GLY A 102 -20.25 11.94 8.90
C GLY A 102 -19.38 12.30 7.71
N ASP A 103 -19.71 13.39 7.03
CA ASP A 103 -19.00 13.79 5.82
C ASP A 103 -18.45 15.20 5.97
N ILE A 104 -17.24 15.41 5.46
CA ILE A 104 -16.61 16.72 5.50
C ILE A 104 -17.46 17.74 4.74
N GLY A 105 -18.10 17.30 3.66
CA GLY A 105 -18.89 18.21 2.85
C GLY A 105 -20.10 18.77 3.57
N MET A 106 -20.68 18.00 4.50
CA MET A 106 -21.90 18.42 5.18
C MET A 106 -21.68 19.56 6.17
N LEU A 107 -20.44 19.88 6.50
CA LEU A 107 -20.17 20.95 7.44
C LEU A 107 -20.49 22.31 6.80
N PRO A 108 -21.10 23.23 7.55
CA PRO A 108 -21.36 24.57 7.01
C PRO A 108 -20.13 25.29 6.49
N HIS A 109 -19.02 25.23 7.23
CA HIS A 109 -17.78 25.88 6.84
C HIS A 109 -16.70 24.82 6.70
N THR A 110 -16.21 24.65 5.46
CA THR A 110 -15.28 23.58 5.12
C THR A 110 -13.89 24.11 4.78
N ASN A 111 -13.46 25.18 5.46
CA ASN A 111 -12.11 25.67 5.28
C ASN A 111 -11.12 24.79 6.03
N ILE A 112 -9.83 25.09 5.89
CA ILE A 112 -8.77 24.24 6.44
C ILE A 112 -8.86 24.15 7.96
N PRO A 113 -8.87 25.26 8.72
CA PRO A 113 -8.92 25.12 10.19
C PRO A 113 -10.20 24.47 10.70
N CYS A 114 -11.29 24.52 9.92
CA CYS A 114 -12.50 23.82 10.32
C CYS A 114 -12.38 22.32 10.09
N VAL A 115 -11.83 21.91 8.94
CA VAL A 115 -11.67 20.49 8.64
C VAL A 115 -10.67 19.86 9.62
N LEU A 116 -9.59 20.59 9.94
CA LEU A 116 -8.62 20.07 10.90
C LEU A 116 -9.25 19.87 12.27
N ASP A 117 -9.98 20.87 12.76
CA ASP A 117 -10.62 20.75 14.06
C ASP A 117 -11.73 19.69 14.05
N PHE A 118 -12.43 19.54 12.92
CA PHE A 118 -13.50 18.56 12.83
C PHE A 118 -12.96 17.15 12.99
N LEU A 119 -11.88 16.82 12.29
CA LEU A 119 -11.28 15.50 12.41
C LEU A 119 -10.64 15.31 13.77
N LYS A 120 -10.11 16.39 14.38
CA LYS A 120 -9.48 16.28 15.68
C LYS A 120 -10.48 15.90 16.77
N VAL A 121 -11.62 16.60 16.82
CA VAL A 121 -12.62 16.33 17.84
C VAL A 121 -13.15 14.92 17.71
N ARG A 122 -13.40 14.47 16.48
CA ARG A 122 -13.86 13.10 16.27
C ARG A 122 -12.77 12.10 16.65
N PHE A 123 -11.52 12.41 16.33
CA PHE A 123 -10.42 11.50 16.67
C PHE A 123 -10.23 11.41 18.18
N MET A 124 -10.34 12.54 18.88
CA MET A 124 -10.24 12.52 20.34
C MET A 124 -11.38 11.75 20.99
N LYS A 125 -12.52 11.62 20.30
CA LYS A 125 -13.62 10.79 20.76
C LYS A 125 -13.61 9.40 20.12
N ASN A 126 -12.44 8.97 19.62
CA ASN A 126 -12.26 7.61 19.09
C ASN A 126 -13.17 7.33 17.90
N GLN A 127 -13.47 8.35 17.11
CA GLN A 127 -14.16 8.19 15.83
C GLN A 127 -13.17 8.60 14.74
N ILE A 128 -12.54 7.62 14.11
CA ILE A 128 -11.47 7.88 13.17
C ILE A 128 -11.93 7.91 11.71
N TYR A 129 -13.11 7.37 11.42
CA TYR A 129 -13.58 7.27 10.04
C TYR A 129 -14.47 8.47 9.71
N THR A 130 -14.18 9.12 8.60
CA THR A 130 -14.95 10.27 8.13
C THR A 130 -14.88 10.29 6.61
N THR A 131 -16.05 10.36 5.98
CA THR A 131 -16.14 10.27 4.53
C THR A 131 -16.01 11.64 3.88
N ALA A 132 -15.48 11.66 2.67
CA ALA A 132 -15.41 12.86 1.85
C ALA A 132 -15.75 12.44 0.43
N ASP A 133 -17.02 12.61 0.05
CA ASP A 133 -17.47 12.30 -1.30
C ASP A 133 -17.32 10.79 -1.49
N PRO A 134 -16.79 10.22 -2.59
CA PRO A 134 -16.50 8.78 -2.54
C PRO A 134 -15.38 8.38 -1.59
N LEU A 135 -14.49 9.30 -1.22
CA LEU A 135 -13.37 8.96 -0.37
C LEU A 135 -13.83 8.70 1.06
N VAL A 136 -13.00 7.96 1.79
CA VAL A 136 -13.19 7.74 3.22
C VAL A 136 -11.84 7.86 3.91
N VAL A 137 -11.80 8.61 5.00
CA VAL A 137 -10.57 8.89 5.72
C VAL A 137 -10.52 8.03 6.98
N ALA A 138 -9.36 7.43 7.24
CA ALA A 138 -9.14 6.62 8.44
C ALA A 138 -7.85 7.08 9.11
N ILE A 139 -7.97 7.59 10.33
CA ILE A 139 -6.84 8.13 11.08
C ILE A 139 -6.39 7.10 12.10
N ASN A 140 -5.08 6.85 12.15
CA ASN A 140 -4.51 5.80 12.98
C ASN A 140 -4.71 6.11 14.46
N PRO A 141 -5.42 5.26 15.23
CA PRO A 141 -5.53 5.51 16.67
C PRO A 141 -4.37 4.96 17.47
N PHE A 142 -3.57 4.05 16.91
CA PHE A 142 -2.43 3.44 17.59
C PHE A 142 -2.85 2.67 18.84
N ARG A 143 -4.08 2.15 18.84
CA ARG A 143 -4.58 1.25 19.87
C ARG A 143 -5.88 0.65 19.38
N ASP A 144 -6.15 -0.58 19.81
CA ASP A 144 -7.38 -1.27 19.42
C ASP A 144 -8.56 -0.61 20.11
N LEU A 145 -9.32 0.18 19.36
CA LEU A 145 -10.51 0.82 19.90
C LEU A 145 -11.66 -0.15 20.10
N GLY A 146 -11.54 -1.38 19.58
CA GLY A 146 -12.63 -2.33 19.67
C GLY A 146 -13.79 -2.06 18.75
N ASN A 147 -13.57 -1.25 17.72
CA ASN A 147 -14.62 -0.88 16.77
C ASN A 147 -14.62 -1.75 15.52
N THR A 148 -13.82 -2.82 15.49
CA THR A 148 -13.80 -3.74 14.36
C THR A 148 -14.08 -5.17 14.81
N THR A 149 -14.65 -5.36 16.00
CA THR A 149 -14.97 -6.69 16.49
C THR A 149 -16.10 -7.31 15.67
N LEU A 150 -16.44 -8.55 16.01
CA LEU A 150 -17.48 -9.26 15.26
C LEU A 150 -18.84 -8.60 15.44
N ASP A 151 -19.11 -8.04 16.61
CA ASP A 151 -20.40 -7.36 16.83
C ASP A 151 -20.54 -6.14 15.93
N TRP A 152 -19.45 -5.39 15.74
CA TRP A 152 -19.49 -4.24 14.83
C TRP A 152 -19.65 -4.69 13.38
N ILE A 153 -19.02 -5.82 13.02
CA ILE A 153 -19.17 -6.36 11.67
C ILE A 153 -20.62 -6.71 11.41
N VAL A 154 -21.25 -7.40 12.35
CA VAL A 154 -22.65 -7.79 12.19
C VAL A 154 -23.54 -6.55 12.08
N ARG A 155 -23.27 -5.54 12.91
CA ARG A 155 -24.10 -4.33 12.88
C ARG A 155 -23.95 -3.56 11.57
N TYR A 156 -22.75 -3.59 10.96
CA TYR A 156 -22.56 -2.91 9.69
C TYR A 156 -22.95 -3.76 8.49
N ARG A 157 -23.06 -5.08 8.66
CA ARG A 157 -23.34 -5.96 7.53
C ARG A 157 -24.84 -6.15 7.29
N ASP A 158 -25.60 -6.51 8.31
CA ASP A 158 -26.96 -6.98 8.11
C ASP A 158 -28.04 -6.14 8.78
N THR A 159 -27.71 -4.93 9.25
CA THR A 159 -28.78 -4.04 9.69
C THR A 159 -29.67 -3.69 8.50
N PHE A 160 -30.98 -3.84 8.69
CA PHE A 160 -31.91 -3.70 7.57
C PHE A 160 -31.85 -2.29 6.99
N ASP A 161 -32.35 -2.18 5.77
CA ASP A 161 -32.35 -0.93 4.99
C ASP A 161 -30.89 -0.52 4.76
N LEU A 162 -30.53 0.75 4.96
CA LEU A 162 -29.23 1.26 4.54
C LEU A 162 -28.35 1.62 5.74
N SER A 163 -27.12 2.02 5.42
CA SER A 163 -26.11 2.29 6.44
C SER A 163 -26.36 3.68 7.03
N LYS A 164 -26.96 3.71 8.21
CA LYS A 164 -27.11 4.96 8.97
C LYS A 164 -26.33 4.89 10.28
N LEU A 165 -25.21 4.17 10.25
CA LEU A 165 -24.23 4.23 11.33
C LEU A 165 -23.17 5.27 10.95
N ALA A 166 -22.17 5.42 11.82
CA ALA A 166 -21.07 6.33 11.52
C ALA A 166 -20.24 5.78 10.36
N PRO A 167 -19.46 6.64 9.70
CA PRO A 167 -18.53 6.13 8.68
C PRO A 167 -17.60 5.08 9.24
N HIS A 168 -17.08 4.25 8.33
CA HIS A 168 -16.27 3.09 8.71
C HIS A 168 -15.60 2.58 7.45
N VAL A 169 -14.63 1.69 7.63
CA VAL A 169 -14.16 0.90 6.50
C VAL A 169 -15.16 -0.17 6.12
N PHE A 170 -16.06 -0.53 7.04
CA PHE A 170 -17.14 -1.45 6.69
C PHE A 170 -18.16 -0.77 5.79
N TYR A 171 -18.25 0.56 5.85
CA TYR A 171 -18.96 1.33 4.83
C TYR A 171 -18.47 0.93 3.44
N THR A 172 -17.15 1.03 3.22
CA THR A 172 -16.58 0.72 1.92
C THR A 172 -16.81 -0.73 1.54
N ALA A 173 -16.67 -1.64 2.49
CA ALA A 173 -16.80 -3.07 2.18
C ALA A 173 -18.22 -3.42 1.74
N ARG A 174 -19.23 -2.90 2.45
CA ARG A 174 -20.60 -3.26 2.12
C ARG A 174 -21.05 -2.59 0.83
N ARG A 175 -20.73 -1.30 0.65
CA ARG A 175 -21.08 -0.61 -0.58
C ARG A 175 -20.44 -1.28 -1.79
N ALA A 176 -19.16 -1.66 -1.67
CA ALA A 176 -18.48 -2.33 -2.76
C ALA A 176 -19.04 -3.73 -2.99
N LEU A 177 -19.33 -4.45 -1.90
CA LEU A 177 -19.90 -5.79 -2.05
C LEU A 177 -21.32 -5.72 -2.63
N ASP A 178 -22.09 -4.71 -2.24
CA ASP A 178 -23.44 -4.55 -2.79
C ASP A 178 -23.38 -4.16 -4.26
N ASN A 179 -22.48 -3.26 -4.63
CA ASN A 179 -22.32 -2.91 -6.04
C ASN A 179 -21.92 -4.12 -6.86
N LEU A 180 -21.11 -5.01 -6.29
CA LEU A 180 -20.65 -6.20 -7.02
C LEU A 180 -21.83 -7.08 -7.42
N HIS A 181 -22.67 -7.45 -6.46
CA HIS A 181 -23.78 -8.36 -6.74
C HIS A 181 -24.94 -7.67 -7.45
N ALA A 182 -25.05 -6.35 -7.37
CA ALA A 182 -26.19 -5.67 -7.95
C ALA A 182 -26.05 -5.47 -9.46
N VAL A 183 -24.81 -5.40 -9.96
CA VAL A 183 -24.58 -5.10 -11.37
C VAL A 183 -23.71 -6.19 -12.01
N ASN A 184 -23.17 -7.09 -11.19
CA ASN A 184 -22.23 -8.11 -11.64
C ASN A 184 -21.00 -7.48 -12.29
N LYS A 185 -20.38 -6.55 -11.56
CA LYS A 185 -19.18 -5.88 -12.02
C LYS A 185 -18.14 -5.88 -10.90
N SER A 186 -16.89 -6.14 -11.28
CA SER A 186 -15.82 -6.24 -10.30
C SER A 186 -15.55 -4.90 -9.64
N GLN A 187 -15.30 -4.95 -8.33
CA GLN A 187 -14.92 -3.79 -7.54
C GLN A 187 -13.51 -3.98 -7.01
N THR A 188 -12.90 -2.88 -6.56
CA THR A 188 -11.55 -2.94 -6.01
C THR A 188 -11.40 -1.89 -4.93
N ILE A 189 -11.10 -2.35 -3.71
CA ILE A 189 -10.87 -1.46 -2.59
C ILE A 189 -9.37 -1.14 -2.52
N ILE A 190 -9.05 0.15 -2.45
CA ILE A 190 -7.67 0.62 -2.54
C ILE A 190 -7.39 1.49 -1.33
N VAL A 191 -6.57 1.00 -0.41
CA VAL A 191 -6.08 1.83 0.69
C VAL A 191 -4.86 2.61 0.23
N SER A 192 -4.61 3.75 0.90
CA SER A 192 -3.47 4.58 0.56
C SER A 192 -3.08 5.40 1.79
N GLY A 193 -1.87 5.93 1.75
CA GLY A 193 -1.32 6.71 2.83
C GLY A 193 0.17 6.50 2.92
N GLU A 194 0.75 7.02 4.00
CA GLU A 194 2.17 6.88 4.26
C GLU A 194 2.43 5.71 5.22
N SER A 195 3.72 5.45 5.44
CA SER A 195 4.12 4.29 6.24
C SER A 195 3.65 4.45 7.68
N GLY A 196 2.86 3.49 8.14
CA GLY A 196 2.32 3.51 9.49
C GLY A 196 0.97 4.16 9.63
N ALA A 197 0.25 4.40 8.52
CA ALA A 197 -1.04 5.06 8.59
C ALA A 197 -2.17 4.09 8.92
N GLY A 198 -2.06 2.83 8.47
CA GLY A 198 -3.08 1.84 8.76
C GLY A 198 -3.65 1.18 7.51
N LYS A 199 -2.86 1.19 6.43
CA LYS A 199 -3.30 0.56 5.19
C LYS A 199 -3.53 -0.93 5.37
N THR A 200 -2.55 -1.62 5.97
CA THR A 200 -2.66 -3.06 6.15
C THR A 200 -3.70 -3.41 7.21
N GLU A 201 -3.77 -2.63 8.29
CA GLU A 201 -4.74 -2.91 9.34
C GLU A 201 -6.17 -2.75 8.82
N ALA A 202 -6.41 -1.73 7.99
CA ALA A 202 -7.71 -1.60 7.35
C ALA A 202 -7.99 -2.77 6.40
N THR A 203 -6.96 -3.22 5.69
CA THR A 203 -7.13 -4.35 4.79
C THR A 203 -7.54 -5.61 5.56
N LYS A 204 -6.88 -5.86 6.68
CA LYS A 204 -7.24 -7.02 7.50
C LYS A 204 -8.64 -6.90 8.06
N GLN A 205 -9.06 -5.67 8.41
CA GLN A 205 -10.40 -5.47 8.94
C GLN A 205 -11.46 -5.74 7.88
N ILE A 206 -11.20 -5.35 6.63
CA ILE A 206 -12.17 -5.59 5.56
C ILE A 206 -12.25 -7.07 5.24
N MET A 207 -11.13 -7.79 5.32
CA MET A 207 -11.15 -9.23 5.11
C MET A 207 -11.95 -9.93 6.21
N ARG A 208 -11.80 -9.47 7.46
CA ARG A 208 -12.60 -10.02 8.55
C ARG A 208 -14.08 -9.77 8.33
N TYR A 209 -14.42 -8.61 7.75
CA TYR A 209 -15.81 -8.32 7.42
C TYR A 209 -16.32 -9.24 6.33
N PHE A 210 -15.55 -9.38 5.24
CA PHE A 210 -15.97 -10.25 4.15
C PHE A 210 -16.09 -11.70 4.61
N ALA A 211 -15.18 -12.13 5.48
CA ALA A 211 -15.17 -13.52 5.94
C ALA A 211 -16.31 -13.83 6.91
N ALA A 212 -17.05 -12.83 7.36
CA ALA A 212 -18.15 -13.03 8.31
C ALA A 212 -19.43 -13.28 7.53
N ALA A 213 -19.97 -14.49 7.66
CA ALA A 213 -21.21 -14.89 6.98
C ALA A 213 -21.98 -15.84 7.91
N LYS A 214 -22.85 -15.27 8.74
CA LYS A 214 -23.78 -16.05 9.55
C LYS A 214 -25.11 -16.25 8.86
N THR A 215 -25.32 -15.64 7.69
CA THR A 215 -26.56 -15.83 6.96
C THR A 215 -26.56 -17.14 6.18
N GLY A 216 -25.43 -17.48 5.55
CA GLY A 216 -25.31 -18.70 4.79
C GLY A 216 -24.43 -19.73 5.46
N SER A 217 -24.10 -20.77 4.69
CA SER A 217 -23.26 -21.86 5.17
C SER A 217 -22.36 -22.31 4.02
N MET A 218 -21.05 -22.40 4.29
CA MET A 218 -20.08 -22.80 3.28
C MET A 218 -19.07 -23.75 3.92
N ASP A 219 -18.10 -24.18 3.11
CA ASP A 219 -16.95 -24.90 3.64
C ASP A 219 -15.92 -23.90 4.15
N LEU A 220 -15.53 -24.06 5.42
CA LEU A 220 -14.68 -23.07 6.07
C LEU A 220 -13.23 -23.12 5.61
N ARG A 221 -12.82 -24.18 4.93
CA ARG A 221 -11.39 -24.47 4.78
C ARG A 221 -10.69 -23.46 3.88
N ILE A 222 -11.31 -23.09 2.75
CA ILE A 222 -10.67 -22.14 1.85
C ILE A 222 -10.58 -20.76 2.49
N GLN A 223 -11.67 -20.30 3.11
CA GLN A 223 -11.66 -19.00 3.77
C GLN A 223 -10.67 -19.00 4.93
N ASN A 224 -10.58 -20.11 5.67
CA ASN A 224 -9.64 -20.18 6.79
C ASN A 224 -8.20 -20.16 6.32
N ALA A 225 -7.94 -20.64 5.11
CA ALA A 225 -6.58 -20.57 4.57
C ALA A 225 -6.22 -19.15 4.14
N ILE A 226 -7.22 -18.36 3.73
CA ILE A 226 -6.98 -16.97 3.36
C ILE A 226 -6.68 -16.13 4.60
N MET A 227 -7.46 -16.32 5.66
CA MET A 227 -7.25 -15.57 6.89
C MET A 227 -5.95 -15.98 7.57
N ALA A 228 -5.64 -17.28 7.58
CA ALA A 228 -4.40 -17.75 8.18
C ALA A 228 -3.18 -17.31 7.40
N ALA A 229 -3.35 -16.82 6.18
CA ALA A 229 -2.20 -16.39 5.39
C ALA A 229 -1.67 -15.04 5.87
N ASN A 230 -2.51 -14.22 6.48
CA ASN A 230 -2.06 -12.91 6.94
C ASN A 230 -0.86 -12.98 7.89
N PRO A 231 -0.80 -13.88 8.89
CA PRO A 231 0.41 -13.94 9.71
C PRO A 231 1.68 -14.27 8.94
N VAL A 232 1.64 -15.28 8.06
CA VAL A 232 2.88 -15.70 7.39
C VAL A 232 3.33 -14.64 6.38
N LEU A 233 2.39 -13.92 5.77
CA LEU A 233 2.80 -12.84 4.87
C LEU A 233 3.42 -11.68 5.63
N GLU A 234 2.98 -11.44 6.87
CA GLU A 234 3.59 -10.42 7.69
C GLU A 234 4.87 -10.92 8.37
N ALA A 235 4.98 -12.23 8.57
CA ALA A 235 6.22 -12.77 9.13
C ALA A 235 7.34 -12.73 8.10
N PHE A 236 7.05 -13.12 6.85
CA PHE A 236 8.07 -13.15 5.81
C PHE A 236 8.25 -11.82 5.11
N GLY A 237 7.24 -10.94 5.16
CA GLY A 237 7.28 -9.74 4.36
C GLY A 237 7.37 -8.43 5.12
N ASN A 238 7.06 -8.44 6.42
CA ASN A 238 7.08 -7.23 7.22
C ASN A 238 8.28 -7.22 8.15
N ALA A 239 8.65 -6.02 8.59
CA ALA A 239 9.81 -5.83 9.45
C ALA A 239 9.69 -4.50 10.18
N LYS A 240 10.44 -4.38 11.27
CA LYS A 240 10.39 -3.17 12.08
C LYS A 240 11.06 -2.02 11.35
N THR A 241 10.35 -0.90 11.25
CA THR A 241 10.84 0.32 10.63
C THR A 241 10.54 1.48 11.57
N ILE A 242 11.43 2.49 11.59
CA ILE A 242 11.23 3.63 12.47
C ILE A 242 9.92 4.33 12.16
N ARG A 243 9.44 4.23 10.92
CA ARG A 243 8.15 4.79 10.55
C ARG A 243 6.98 3.85 10.88
N ASN A 244 7.24 2.55 11.02
CA ASN A 244 6.20 1.58 11.32
C ASN A 244 6.83 0.31 11.85
N ASN A 245 6.38 -0.13 13.04
CA ASN A 245 6.95 -1.32 13.66
C ASN A 245 6.53 -2.61 12.95
N ASN A 246 5.47 -2.55 12.14
CA ASN A 246 5.04 -3.70 11.36
C ASN A 246 4.97 -3.32 9.88
N SER A 247 6.03 -2.67 9.39
CA SER A 247 6.02 -2.14 8.03
C SER A 247 6.08 -3.27 7.01
N SER A 248 5.12 -3.25 6.08
CA SER A 248 5.10 -4.21 4.98
C SER A 248 6.15 -3.81 3.95
N ARG A 249 7.15 -4.67 3.74
CA ARG A 249 8.19 -4.43 2.75
C ARG A 249 7.86 -5.01 1.39
N PHE A 250 6.58 -5.07 1.05
CA PHE A 250 6.13 -5.62 -0.23
C PHE A 250 4.72 -5.10 -0.50
N GLY A 251 4.38 -5.00 -1.78
CA GLY A 251 3.03 -4.66 -2.17
C GLY A 251 2.17 -5.91 -2.31
N ARG A 252 0.89 -5.76 -1.97
CA ARG A 252 -0.04 -6.88 -1.99
C ARG A 252 -1.26 -6.54 -2.82
N PHE A 253 -1.69 -7.50 -3.64
CA PHE A 253 -2.96 -7.41 -4.36
C PHE A 253 -3.72 -8.71 -4.17
N MET A 254 -5.03 -8.60 -3.95
CA MET A 254 -5.88 -9.75 -3.68
C MET A 254 -7.14 -9.66 -4.53
N GLN A 255 -7.41 -10.72 -5.30
CA GLN A 255 -8.70 -10.94 -5.91
C GLN A 255 -9.51 -11.87 -5.03
N LEU A 256 -10.79 -11.56 -4.84
CA LEU A 256 -11.63 -12.29 -3.91
C LEU A 256 -12.97 -12.63 -4.53
N ASP A 257 -13.52 -13.77 -4.12
CA ASP A 257 -14.86 -14.21 -4.49
C ASP A 257 -15.67 -14.26 -3.20
N VAL A 258 -16.24 -13.11 -2.83
CA VAL A 258 -17.00 -12.97 -1.59
C VAL A 258 -18.43 -13.41 -1.84
N GLY A 259 -18.97 -14.18 -0.90
CA GLY A 259 -20.33 -14.68 -1.06
C GLY A 259 -21.35 -13.57 -1.09
N ARG A 260 -22.55 -13.92 -1.58
CA ARG A 260 -23.62 -12.95 -1.73
C ARG A 260 -24.08 -12.44 -0.36
N GLU A 261 -24.17 -13.32 0.63
CA GLU A 261 -24.49 -12.95 2.00
C GLU A 261 -23.24 -12.88 2.87
N GLY A 262 -22.09 -12.59 2.27
CA GLY A 262 -20.83 -12.63 2.98
C GLY A 262 -20.12 -13.95 2.82
N GLY A 263 -18.95 -14.04 3.46
CA GLY A 263 -18.16 -15.25 3.39
C GLY A 263 -17.29 -15.31 2.15
N ILE A 264 -16.05 -15.72 2.32
CA ILE A 264 -15.09 -15.79 1.22
C ILE A 264 -15.05 -17.21 0.68
N LYS A 265 -15.18 -17.34 -0.63
CA LYS A 265 -15.18 -18.63 -1.31
C LYS A 265 -13.87 -18.94 -2.01
N PHE A 266 -13.33 -17.98 -2.77
CA PHE A 266 -12.10 -18.19 -3.51
C PHE A 266 -11.30 -16.89 -3.51
N GLY A 267 -10.01 -17.01 -3.83
CA GLY A 267 -9.14 -15.84 -3.81
C GLY A 267 -7.78 -16.15 -4.39
N SER A 268 -7.00 -15.09 -4.57
CA SER A 268 -5.63 -15.18 -5.06
C SER A 268 -4.83 -14.03 -4.47
N VAL A 269 -3.55 -14.28 -4.23
CA VAL A 269 -2.67 -13.32 -3.57
C VAL A 269 -1.45 -13.09 -4.45
N VAL A 270 -1.06 -11.82 -4.60
CA VAL A 270 0.10 -11.42 -5.37
C VAL A 270 0.94 -10.46 -4.54
N ALA A 271 2.23 -10.79 -4.38
CA ALA A 271 3.18 -9.94 -3.70
C ALA A 271 4.27 -9.53 -4.69
N PHE A 272 4.60 -8.24 -4.71
CA PHE A 272 5.57 -7.72 -5.64
C PHE A 272 6.60 -6.86 -4.92
N LEU A 273 7.85 -6.94 -5.39
CA LEU A 273 8.94 -6.09 -4.93
C LEU A 273 9.23 -6.29 -3.43
N LEU A 274 9.44 -7.55 -3.06
CA LEU A 274 9.98 -7.82 -1.73
C LEU A 274 11.39 -7.25 -1.65
N GLU A 275 11.69 -6.59 -0.54
CA GLU A 275 12.95 -5.86 -0.40
C GLU A 275 14.01 -6.83 0.12
N LYS A 276 14.76 -7.41 -0.81
CA LYS A 276 15.73 -8.45 -0.45
C LYS A 276 16.93 -7.86 0.28
N SER A 277 17.21 -6.57 0.07
CA SER A 277 18.34 -5.93 0.74
C SER A 277 18.21 -5.99 2.25
N ARG A 278 16.97 -6.01 2.76
CA ARG A 278 16.74 -6.09 4.19
C ARG A 278 17.23 -7.41 4.78
N VAL A 279 17.35 -8.45 3.96
CA VAL A 279 17.89 -9.72 4.45
C VAL A 279 19.35 -9.56 4.84
N LEU A 280 20.10 -8.69 4.14
CA LEU A 280 21.52 -8.55 4.43
C LEU A 280 21.77 -7.61 5.60
N THR A 281 21.35 -6.36 5.49
CA THR A 281 21.68 -5.34 6.47
C THR A 281 20.42 -4.58 6.89
N GLN A 282 20.48 -3.98 8.07
CA GLN A 282 19.41 -3.14 8.59
C GLN A 282 20.01 -1.95 9.31
N ASP A 283 19.22 -0.89 9.43
CA ASP A 283 19.63 0.25 10.24
C ASP A 283 19.65 -0.13 11.71
N GLU A 284 20.23 0.76 12.53
CA GLU A 284 20.41 0.46 13.94
C GLU A 284 19.07 0.32 14.66
N GLN A 285 18.08 1.11 14.28
CA GLN A 285 16.78 1.12 14.95
C GLN A 285 15.76 0.23 14.26
N GLU A 286 16.17 -0.57 13.29
CA GLU A 286 15.25 -1.41 12.54
C GLU A 286 15.62 -2.88 12.73
N ARG A 287 14.69 -3.75 12.35
CA ARG A 287 14.90 -5.20 12.38
C ARG A 287 14.81 -5.75 10.97
N SER A 288 15.26 -6.98 10.81
CA SER A 288 15.03 -7.73 9.59
C SER A 288 13.59 -8.27 9.63
N TYR A 289 13.24 -9.13 8.67
CA TYR A 289 11.87 -9.62 8.60
C TYR A 289 11.52 -10.44 9.83
N HIS A 290 10.26 -10.34 10.25
CA HIS A 290 9.83 -10.90 11.54
C HIS A 290 10.17 -12.38 11.68
N ILE A 291 10.18 -13.12 10.56
CA ILE A 291 10.28 -14.58 10.63
C ILE A 291 11.61 -15.01 11.24
N PHE A 292 12.67 -14.20 11.04
CA PHE A 292 13.96 -14.55 11.63
C PHE A 292 13.91 -14.50 13.14
N TYR A 293 13.20 -13.52 13.70
CA TYR A 293 13.09 -13.39 15.15
C TYR A 293 12.08 -14.37 15.74
N GLN A 294 11.00 -14.65 15.00
CA GLN A 294 10.05 -15.67 15.43
C GLN A 294 10.73 -17.02 15.56
N MET A 295 11.60 -17.36 14.61
CA MET A 295 12.26 -18.66 14.63
C MET A 295 13.29 -18.74 15.75
N CYS A 296 14.26 -17.82 15.76
CA CYS A 296 15.35 -17.89 16.73
C CYS A 296 14.86 -17.81 18.16
N LYS A 297 13.77 -17.07 18.41
CA LYS A 297 13.28 -16.87 19.76
C LYS A 297 12.19 -17.86 20.16
N GLY A 298 11.50 -18.46 19.19
CA GLY A 298 10.39 -19.33 19.50
C GLY A 298 10.61 -20.80 19.22
N ALA A 299 11.69 -21.14 18.52
CA ALA A 299 11.95 -22.52 18.17
C ALA A 299 12.32 -23.34 19.40
N ASP A 300 11.81 -24.56 19.46
CA ASP A 300 12.16 -25.47 20.54
C ASP A 300 13.62 -25.88 20.44
N ALA A 301 14.15 -26.37 21.56
CA ALA A 301 15.55 -26.83 21.58
C ALA A 301 15.79 -27.94 20.57
N ALA A 302 14.80 -28.80 20.35
CA ALA A 302 14.94 -29.84 19.34
C ALA A 302 15.01 -29.24 17.95
N MET A 303 14.24 -28.18 17.70
CA MET A 303 14.27 -27.55 16.39
C MET A 303 15.54 -26.71 16.20
N LYS A 304 16.00 -26.05 17.27
CA LYS A 304 17.23 -25.29 17.20
C LYS A 304 18.41 -26.19 16.82
N GLU A 305 18.52 -27.36 17.46
CA GLU A 305 19.59 -28.29 17.11
C GLU A 305 19.39 -28.89 15.73
N ARG A 306 18.14 -29.03 15.29
CA ARG A 306 17.87 -29.68 14.01
C ARG A 306 18.33 -28.81 12.84
N PHE A 307 18.02 -27.51 12.88
CA PHE A 307 18.35 -26.59 11.80
C PHE A 307 19.50 -25.67 12.15
N HIS A 308 20.25 -25.99 13.21
CA HIS A 308 21.47 -25.26 13.59
C HIS A 308 21.18 -23.76 13.76
N ILE A 309 20.21 -23.47 14.63
CA ILE A 309 19.75 -22.11 14.86
C ILE A 309 20.59 -21.49 15.96
N LEU A 310 21.26 -20.39 15.64
CA LEU A 310 22.08 -19.62 16.56
C LEU A 310 21.26 -18.53 17.23
N PRO A 311 21.73 -17.97 18.33
CA PRO A 311 21.10 -16.77 18.86
C PRO A 311 21.28 -15.58 17.92
N LEU A 312 20.35 -14.63 18.04
CA LEU A 312 20.31 -13.52 17.09
C LEU A 312 21.60 -12.72 17.08
N SER A 313 22.27 -12.60 18.23
CA SER A 313 23.49 -11.81 18.31
C SER A 313 24.63 -12.39 17.49
N GLU A 314 24.60 -13.70 17.19
CA GLU A 314 25.67 -14.36 16.47
C GLU A 314 25.42 -14.44 14.97
N TYR A 315 24.43 -13.73 14.45
CA TYR A 315 24.17 -13.65 13.02
C TYR A 315 24.62 -12.29 12.51
N LYS A 316 25.60 -12.28 11.60
CA LYS A 316 26.02 -11.03 10.98
C LYS A 316 24.87 -10.38 10.22
N TYR A 317 23.97 -11.18 9.66
CA TYR A 317 22.84 -10.64 8.91
C TYR A 317 21.81 -9.95 9.82
N ILE A 318 21.86 -10.20 11.12
CA ILE A 318 20.88 -9.66 12.06
C ILE A 318 21.50 -8.50 12.82
N ASN A 319 20.86 -7.33 12.75
CA ASN A 319 21.26 -6.16 13.52
C ASN A 319 21.10 -6.46 15.00
N PRO A 320 22.20 -6.51 15.77
CA PRO A 320 22.11 -6.92 17.17
C PRO A 320 21.61 -5.83 18.10
N LEU A 321 21.56 -4.57 17.67
CA LEU A 321 21.17 -3.51 18.58
C LEU A 321 19.68 -3.50 18.84
N CYS A 322 18.87 -3.97 17.88
CA CYS A 322 17.42 -3.94 18.00
C CYS A 322 16.87 -5.34 17.70
N LEU A 323 16.54 -6.08 18.75
CA LEU A 323 15.97 -7.42 18.62
C LEU A 323 14.52 -7.48 19.09
N ASP A 324 13.89 -6.34 19.35
CA ASP A 324 12.55 -6.30 19.93
C ASP A 324 11.69 -5.32 19.16
N ALA A 325 10.49 -5.77 18.77
CA ALA A 325 9.47 -4.91 18.19
C ALA A 325 8.38 -4.65 19.22
N PRO A 326 8.00 -3.38 19.44
CA PRO A 326 7.14 -3.07 20.60
C PRO A 326 5.78 -3.73 20.55
N GLY A 327 5.11 -3.73 19.40
CA GLY A 327 3.79 -4.30 19.31
C GLY A 327 3.72 -5.78 19.05
N ILE A 328 4.87 -6.45 18.89
CA ILE A 328 4.92 -7.83 18.43
C ILE A 328 5.47 -8.72 19.54
N ASP A 329 4.79 -9.85 19.78
CA ASP A 329 5.34 -10.95 20.57
C ASP A 329 5.88 -11.97 19.56
N ASP A 330 7.20 -12.02 19.41
CA ASP A 330 7.80 -12.88 18.40
C ASP A 330 7.52 -14.35 18.67
N VAL A 331 7.46 -14.76 19.94
CA VAL A 331 7.18 -16.16 20.25
C VAL A 331 5.71 -16.48 19.99
N ALA A 332 4.81 -15.53 20.22
CA ALA A 332 3.40 -15.77 19.94
C ALA A 332 3.14 -15.87 18.45
N GLU A 333 3.77 -15.02 17.65
CA GLU A 333 3.62 -15.10 16.20
C GLU A 333 4.23 -16.38 15.64
N PHE A 334 5.30 -16.88 16.27
CA PHE A 334 5.96 -18.09 15.79
C PHE A 334 5.00 -19.27 15.81
N HIS A 335 4.27 -19.45 16.91
CA HIS A 335 3.28 -20.51 16.96
C HIS A 335 2.04 -20.17 16.15
N GLU A 336 1.80 -18.89 15.86
CA GLU A 336 0.71 -18.51 14.98
C GLU A 336 1.00 -18.91 13.54
N VAL A 337 2.22 -18.64 13.06
CA VAL A 337 2.57 -19.00 11.70
C VAL A 337 2.78 -20.51 11.55
N CYS A 338 3.04 -21.22 12.65
CA CYS A 338 3.15 -22.67 12.57
C CYS A 338 1.78 -23.31 12.34
N GLU A 339 0.77 -22.85 13.09
CA GLU A 339 -0.59 -23.31 12.86
C GLU A 339 -1.11 -22.85 11.50
N SER A 340 -0.67 -21.68 11.05
CA SER A 340 -1.11 -21.17 9.76
C SER A 340 -0.65 -22.07 8.61
N PHE A 341 0.55 -22.64 8.74
CA PHE A 341 1.04 -23.55 7.71
C PHE A 341 0.12 -24.75 7.52
N ARG A 342 -0.51 -25.22 8.60
CA ARG A 342 -1.45 -26.34 8.48
C ARG A 342 -2.71 -25.91 7.75
N SER A 343 -3.22 -24.71 8.04
CA SER A 343 -4.42 -24.22 7.36
C SER A 343 -4.18 -23.97 5.87
N MET A 344 -2.93 -23.78 5.45
CA MET A 344 -2.58 -23.59 4.05
C MET A 344 -2.20 -24.90 3.36
N ASN A 345 -2.35 -26.03 4.04
CA ASN A 345 -2.13 -27.36 3.48
C ASN A 345 -0.67 -27.59 3.08
N LEU A 346 0.25 -27.16 3.95
CA LEU A 346 1.65 -27.51 3.81
C LEU A 346 1.93 -28.77 4.64
N THR A 347 2.46 -29.79 3.99
CA THR A 347 2.77 -31.02 4.71
C THR A 347 3.97 -30.79 5.64
N GLU A 348 4.10 -31.67 6.63
CA GLU A 348 5.15 -31.51 7.64
C GLU A 348 6.54 -31.53 7.01
N ASP A 349 6.70 -32.20 5.86
CA ASP A 349 7.97 -32.15 5.16
C ASP A 349 8.26 -30.74 4.64
N GLU A 350 7.24 -30.07 4.10
CA GLU A 350 7.46 -28.73 3.56
C GLU A 350 7.66 -27.71 4.66
N VAL A 351 6.95 -27.87 5.79
CA VAL A 351 7.12 -26.95 6.91
C VAL A 351 8.55 -27.03 7.44
N ALA A 352 9.05 -28.25 7.68
CA ALA A 352 10.43 -28.42 8.11
C ALA A 352 11.39 -27.89 7.05
N SER A 353 11.04 -28.07 5.77
CA SER A 353 11.90 -27.58 4.70
C SER A 353 11.94 -26.06 4.67
N VAL A 354 10.85 -25.39 5.06
CA VAL A 354 10.85 -23.94 5.09
C VAL A 354 11.77 -23.42 6.19
N TRP A 355 11.65 -23.98 7.40
CA TRP A 355 12.49 -23.54 8.50
C TRP A 355 13.97 -23.77 8.22
N SER A 356 14.28 -24.83 7.47
CA SER A 356 15.68 -25.08 7.09
C SER A 356 16.20 -23.99 6.17
N ILE A 357 15.39 -23.57 5.21
CA ILE A 357 15.81 -22.52 4.28
C ILE A 357 15.94 -21.19 4.99
N VAL A 358 15.05 -20.92 5.96
CA VAL A 358 15.13 -19.69 6.73
C VAL A 358 16.43 -19.64 7.53
N SER A 359 16.75 -20.73 8.22
CA SER A 359 17.99 -20.79 8.98
C SER A 359 19.19 -20.80 8.05
N GLY A 360 19.08 -21.48 6.90
CA GLY A 360 20.18 -21.49 5.95
C GLY A 360 20.46 -20.11 5.38
N VAL A 361 19.41 -19.31 5.18
CA VAL A 361 19.60 -17.94 4.72
C VAL A 361 20.34 -17.13 5.78
N LEU A 362 19.98 -17.33 7.06
CA LEU A 362 20.65 -16.61 8.14
C LEU A 362 22.10 -17.05 8.28
N LEU A 363 22.35 -18.36 8.26
CA LEU A 363 23.70 -18.87 8.51
C LEU A 363 24.66 -18.51 7.38
N LEU A 364 24.14 -18.30 6.16
CA LEU A 364 25.02 -18.02 5.03
C LEU A 364 25.77 -16.70 5.22
N GLY A 365 25.18 -15.76 5.95
CA GLY A 365 25.84 -14.49 6.21
C GLY A 365 27.05 -14.59 7.11
N ASN A 366 27.13 -15.65 7.92
CA ASN A 366 28.31 -15.85 8.77
C ASN A 366 29.51 -16.34 7.98
N VAL A 367 29.32 -16.79 6.75
CA VAL A 367 30.42 -17.28 5.92
C VAL A 367 31.27 -16.10 5.50
N GLU A 368 32.47 -15.99 6.05
CA GLU A 368 33.41 -14.95 5.64
C GLU A 368 34.12 -15.40 4.37
N VAL A 369 34.00 -14.62 3.30
CA VAL A 369 34.74 -14.88 2.08
C VAL A 369 36.13 -14.29 2.24
N THR A 370 37.07 -15.11 2.72
CA THR A 370 38.42 -14.63 2.98
C THR A 370 39.18 -14.45 1.67
N ALA A 371 39.98 -13.39 1.61
CA ALA A 371 40.88 -13.21 0.49
C ALA A 371 41.98 -14.27 0.54
N THR A 372 42.38 -14.75 -0.63
CA THR A 372 43.36 -15.83 -0.72
C THR A 372 44.51 -15.41 -1.62
N LYS A 373 45.48 -16.30 -1.76
CA LYS A 373 46.61 -16.09 -2.64
C LYS A 373 46.17 -16.36 -4.09
N ASP A 374 47.13 -16.60 -4.97
CA ASP A 374 46.94 -16.79 -6.43
C ASP A 374 45.97 -15.78 -7.04
N GLY A 375 45.93 -14.56 -6.50
CA GLY A 375 45.15 -13.50 -7.08
C GLY A 375 46.02 -12.46 -7.77
N GLY A 376 45.44 -11.69 -8.68
CA GLY A 376 46.23 -10.71 -9.43
C GLY A 376 46.82 -9.64 -8.53
N ILE A 377 46.00 -9.08 -7.64
CA ILE A 377 46.47 -8.11 -6.65
C ILE A 377 46.18 -8.69 -5.27
N ASP A 378 46.37 -10.00 -5.12
CA ASP A 378 46.04 -10.73 -3.89
C ASP A 378 44.60 -10.46 -3.50
N ASP A 379 43.71 -10.53 -4.48
CA ASP A 379 42.31 -10.18 -4.32
C ASP A 379 41.36 -11.35 -4.49
N ALA A 380 41.86 -12.53 -4.85
CA ALA A 380 40.99 -13.65 -5.17
C ALA A 380 40.18 -14.07 -3.95
N ALA A 381 38.98 -14.57 -4.21
CA ALA A 381 38.04 -14.97 -3.17
C ALA A 381 38.10 -16.48 -2.94
N ALA A 382 37.83 -16.88 -1.71
CA ALA A 382 37.83 -18.29 -1.33
C ALA A 382 37.18 -18.44 0.04
N ILE A 383 36.69 -19.65 0.30
CA ILE A 383 36.16 -20.04 1.61
C ILE A 383 37.08 -21.11 2.17
N GLU A 384 37.54 -20.91 3.41
CA GLU A 384 38.55 -21.79 3.99
C GLU A 384 38.26 -22.01 5.47
N GLY A 385 38.82 -23.10 5.99
CA GLY A 385 38.85 -23.33 7.43
C GLY A 385 37.47 -23.37 8.05
N LYS A 386 37.30 -22.58 9.11
CA LYS A 386 36.03 -22.55 9.84
C LYS A 386 34.90 -22.01 8.99
N ASN A 387 35.19 -21.11 8.05
CA ASN A 387 34.15 -20.59 7.16
C ASN A 387 33.61 -21.70 6.26
N LEU A 388 34.45 -22.65 5.86
CA LEU A 388 33.99 -23.76 5.02
C LEU A 388 33.19 -24.78 5.82
N GLU A 389 33.48 -24.91 7.12
CA GLU A 389 32.63 -25.73 7.98
C GLU A 389 31.24 -25.11 8.12
N VAL A 390 31.19 -23.77 8.22
CA VAL A 390 29.90 -23.08 8.26
C VAL A 390 29.24 -23.11 6.89
N PHE A 391 30.04 -22.92 5.83
CA PHE A 391 29.49 -22.90 4.48
C PHE A 391 28.85 -24.24 4.11
N LYS A 392 29.49 -25.34 4.52
CA LYS A 392 28.92 -26.66 4.24
C LYS A 392 27.64 -26.89 5.02
N LYS A 393 27.62 -26.48 6.30
CA LYS A 393 26.42 -26.65 7.10
C LYS A 393 25.28 -25.76 6.61
N ALA A 394 25.61 -24.59 6.05
CA ALA A 394 24.57 -23.70 5.53
C ALA A 394 23.98 -24.25 4.25
N CYS A 395 24.84 -24.71 3.33
CA CYS A 395 24.35 -25.29 2.08
C CYS A 395 23.49 -26.51 2.34
N GLY A 396 23.84 -27.31 3.35
CA GLY A 396 23.00 -28.44 3.72
C GLY A 396 21.63 -28.01 4.18
N LEU A 397 21.56 -26.88 4.89
CA LEU A 397 20.26 -26.34 5.28
C LEU A 397 19.49 -25.82 4.06
N LEU A 398 20.19 -25.20 3.13
CA LEU A 398 19.59 -24.75 1.88
C LEU A 398 19.40 -25.87 0.87
N PHE A 399 19.84 -27.08 1.20
CA PHE A 399 19.70 -28.26 0.34
C PHE A 399 20.39 -28.04 -1.01
N LEU A 400 21.64 -27.58 -0.94
CA LEU A 400 22.43 -27.29 -2.12
C LEU A 400 23.68 -28.16 -2.14
N ASP A 401 24.25 -28.32 -3.33
CA ASP A 401 25.54 -29.00 -3.49
C ASP A 401 26.63 -28.01 -3.13
N ALA A 402 27.30 -28.25 -2.01
CA ALA A 402 28.21 -27.26 -1.43
C ALA A 402 29.35 -26.93 -2.37
N GLU A 403 30.11 -27.94 -2.79
CA GLU A 403 31.31 -27.68 -3.59
C GLU A 403 30.97 -27.10 -4.95
N ARG A 404 29.80 -27.45 -5.51
CA ARG A 404 29.42 -26.84 -6.78
C ARG A 404 29.05 -25.36 -6.60
N ILE A 405 28.49 -25.01 -5.43
CA ILE A 405 28.24 -23.60 -5.14
C ILE A 405 29.55 -22.87 -4.86
N ARG A 406 30.46 -23.52 -4.14
CA ARG A 406 31.73 -22.87 -3.80
C ARG A 406 32.52 -22.51 -5.04
N GLU A 407 32.51 -23.39 -6.05
CA GLU A 407 33.22 -23.09 -7.29
C GLU A 407 32.61 -21.88 -8.01
N GLU A 408 31.28 -21.72 -7.92
CA GLU A 408 30.62 -20.59 -8.56
C GLU A 408 30.81 -19.29 -7.80
N LEU A 409 31.25 -19.36 -6.55
CA LEU A 409 31.53 -18.16 -5.77
C LEU A 409 32.99 -17.73 -5.84
N THR A 410 33.88 -18.63 -6.26
CA THR A 410 35.32 -18.38 -6.20
C THR A 410 35.94 -18.23 -7.58
N VAL A 411 35.83 -19.23 -8.45
CA VAL A 411 36.47 -19.20 -9.75
C VAL A 411 35.49 -18.64 -10.78
N LYS A 412 36.02 -17.85 -11.71
CA LYS A 412 35.24 -17.27 -12.80
C LYS A 412 35.90 -17.65 -14.12
N VAL A 413 35.23 -18.48 -14.90
CA VAL A 413 35.70 -18.81 -16.23
C VAL A 413 35.36 -17.66 -17.18
N SER A 414 36.35 -17.19 -17.92
CA SER A 414 36.17 -16.10 -18.87
C SER A 414 36.75 -16.52 -20.22
N TYR A 415 36.48 -15.71 -21.24
CA TYR A 415 36.90 -16.02 -22.60
C TYR A 415 37.47 -14.76 -23.24
N ALA A 416 38.81 -14.69 -23.32
CA ALA A 416 39.49 -13.60 -24.02
C ALA A 416 39.58 -13.99 -25.49
N GLY A 417 38.46 -13.81 -26.19
CA GLY A 417 38.36 -14.28 -27.55
C GLY A 417 38.09 -15.77 -27.61
N ASN A 418 39.01 -16.51 -28.19
CA ASN A 418 38.92 -17.97 -28.22
C ASN A 418 39.65 -18.63 -27.06
N GLN A 419 40.30 -17.85 -26.21
CA GLN A 419 41.06 -18.39 -25.09
C GLN A 419 40.14 -18.54 -23.88
N GLU A 420 39.91 -19.77 -23.45
CA GLU A 420 39.23 -20.00 -22.19
C GLU A 420 40.20 -19.78 -21.03
N ILE A 421 39.72 -19.17 -19.97
CA ILE A 421 40.55 -18.78 -18.83
C ILE A 421 39.80 -19.11 -17.55
N ARG A 422 40.44 -19.87 -16.66
CA ARG A 422 39.88 -20.12 -15.34
C ARG A 422 40.46 -19.12 -14.34
N GLY A 423 40.02 -17.87 -14.49
CA GLY A 423 40.35 -16.83 -13.55
C GLY A 423 39.59 -17.01 -12.25
N ARG A 424 39.82 -16.07 -11.33
CA ARG A 424 39.19 -16.10 -10.02
C ARG A 424 38.28 -14.89 -9.84
N TRP A 425 37.37 -15.01 -8.88
CA TRP A 425 36.56 -13.89 -8.45
C TRP A 425 37.31 -13.07 -7.40
N LYS A 426 37.25 -11.76 -7.52
CA LYS A 426 37.74 -10.91 -6.44
C LYS A 426 36.88 -11.11 -5.20
N GLN A 427 37.45 -10.76 -4.04
CA GLN A 427 36.73 -10.92 -2.79
C GLN A 427 35.42 -10.13 -2.79
N GLU A 428 35.41 -8.97 -3.45
CA GLU A 428 34.20 -8.16 -3.51
C GLU A 428 33.08 -8.89 -4.25
N ASP A 429 33.40 -9.47 -5.41
CA ASP A 429 32.37 -10.12 -6.21
C ASP A 429 31.91 -11.43 -5.55
N GLY A 430 32.84 -12.22 -5.03
CA GLY A 430 32.48 -13.47 -4.40
C GLY A 430 31.58 -13.29 -3.18
N ASP A 431 31.75 -12.19 -2.45
CA ASP A 431 30.90 -11.94 -1.29
C ASP A 431 29.50 -11.53 -1.72
N MET A 432 29.39 -10.66 -2.72
CA MET A 432 28.08 -10.25 -3.22
C MET A 432 27.32 -11.45 -3.79
N LEU A 433 28.00 -12.32 -4.53
CA LEU A 433 27.36 -13.50 -5.07
C LEU A 433 26.92 -14.45 -3.96
N LYS A 434 27.69 -14.52 -2.87
CA LYS A 434 27.28 -15.36 -1.74
C LYS A 434 26.04 -14.79 -1.07
N SER A 435 26.03 -13.48 -0.81
CA SER A 435 24.84 -12.85 -0.26
C SER A 435 23.68 -12.85 -1.25
N SER A 436 23.99 -12.76 -2.55
CA SER A 436 22.94 -12.85 -3.56
C SER A 436 22.20 -14.17 -3.48
N LEU A 437 22.89 -15.26 -3.12
CA LEU A 437 22.22 -16.54 -2.95
C LEU A 437 21.22 -16.49 -1.81
N ALA A 438 21.60 -15.88 -0.68
CA ALA A 438 20.71 -15.84 0.47
C ALA A 438 19.48 -14.99 0.19
N LYS A 439 19.62 -13.92 -0.59
CA LYS A 439 18.49 -13.05 -0.87
C LYS A 439 17.52 -13.70 -1.84
N ALA A 440 18.04 -14.33 -2.90
CA ALA A 440 17.17 -14.98 -3.88
C ALA A 440 16.42 -16.16 -3.26
N MET A 441 17.11 -16.94 -2.43
CA MET A 441 16.44 -18.05 -1.74
C MET A 441 15.30 -17.54 -0.86
N TYR A 442 15.55 -16.47 -0.11
CA TYR A 442 14.50 -15.90 0.73
C TYR A 442 13.40 -15.27 -0.11
N ASP A 443 13.77 -14.61 -1.22
CA ASP A 443 12.77 -13.98 -2.07
C ASP A 443 11.88 -15.02 -2.72
N LYS A 444 12.48 -16.08 -3.27
CA LYS A 444 11.68 -17.09 -3.96
C LYS A 444 10.90 -17.97 -2.99
N LEU A 445 11.44 -18.21 -1.80
CA LEU A 445 10.67 -18.94 -0.78
C LEU A 445 9.40 -18.18 -0.42
N PHE A 446 9.50 -16.85 -0.30
CA PHE A 446 8.32 -16.04 -0.02
C PHE A 446 7.29 -16.16 -1.14
N MET A 447 7.76 -16.20 -2.39
CA MET A 447 6.83 -16.35 -3.51
C MET A 447 6.30 -17.77 -3.60
N TRP A 448 7.10 -18.77 -3.22
CA TRP A 448 6.65 -20.15 -3.29
C TRP A 448 5.54 -20.43 -2.27
N ILE A 449 5.65 -19.87 -1.07
CA ILE A 449 4.61 -20.04 -0.07
C ILE A 449 3.30 -19.44 -0.56
N ILE A 450 3.36 -18.26 -1.19
CA ILE A 450 2.17 -17.65 -1.75
C ILE A 450 1.62 -18.49 -2.91
N ALA A 451 2.51 -19.04 -3.73
CA ALA A 451 2.06 -19.88 -4.83
C ALA A 451 1.43 -21.16 -4.32
N VAL A 452 1.93 -21.69 -3.20
CA VAL A 452 1.28 -22.83 -2.56
C VAL A 452 -0.10 -22.42 -2.05
N LEU A 453 -0.22 -21.19 -1.54
CA LEU A 453 -1.51 -20.70 -1.08
C LEU A 453 -2.51 -20.59 -2.23
N ASN A 454 -2.07 -20.04 -3.36
CA ASN A 454 -2.98 -19.81 -4.48
C ASN A 454 -3.48 -21.12 -5.09
N ARG A 455 -2.65 -22.16 -5.10
CA ARG A 455 -3.09 -23.44 -5.66
C ARG A 455 -4.29 -23.98 -4.89
N SER A 456 -4.35 -23.76 -3.58
CA SER A 456 -5.43 -24.29 -2.78
C SER A 456 -6.68 -23.41 -2.78
N ILE A 457 -6.61 -22.20 -3.35
CA ILE A 457 -7.64 -21.19 -3.11
C ILE A 457 -8.17 -20.59 -4.41
N LYS A 458 -7.34 -20.53 -5.45
CA LYS A 458 -7.78 -19.93 -6.71
C LYS A 458 -9.03 -20.65 -7.22
N PRO A 459 -10.00 -19.92 -7.78
CA PRO A 459 -11.27 -20.53 -8.16
C PRO A 459 -11.08 -21.58 -9.23
N PRO A 460 -11.84 -22.68 -9.19
CA PRO A 460 -11.65 -23.75 -10.18
C PRO A 460 -11.78 -23.28 -11.62
N GLY A 461 -12.76 -22.45 -11.92
CA GLY A 461 -12.91 -21.94 -13.27
C GLY A 461 -11.92 -20.83 -13.57
N GLY A 462 -12.02 -19.73 -12.84
CA GLY A 462 -11.16 -18.59 -13.06
C GLY A 462 -11.77 -17.35 -12.41
N PHE A 463 -11.18 -16.21 -12.75
CA PHE A 463 -11.62 -14.92 -12.21
C PHE A 463 -12.20 -14.09 -13.34
N LYS A 464 -13.53 -14.01 -13.39
CA LYS A 464 -14.26 -13.13 -14.29
C LYS A 464 -14.83 -11.91 -13.57
N ILE A 465 -15.52 -12.13 -12.45
CA ILE A 465 -16.10 -11.07 -11.63
C ILE A 465 -15.63 -11.29 -10.21
N PHE A 466 -14.88 -10.33 -9.66
CA PHE A 466 -14.16 -10.53 -8.42
C PHE A 466 -14.17 -9.26 -7.57
N MET A 467 -13.77 -9.41 -6.31
CA MET A 467 -13.59 -8.30 -5.39
C MET A 467 -12.09 -8.08 -5.21
N GLY A 468 -11.59 -6.96 -5.72
CA GLY A 468 -10.18 -6.67 -5.66
C GLY A 468 -9.79 -5.90 -4.41
N MET A 469 -8.55 -6.12 -3.96
CA MET A 469 -8.00 -5.41 -2.80
C MET A 469 -6.53 -5.14 -3.06
N LEU A 470 -6.08 -3.93 -2.75
CA LEU A 470 -4.71 -3.50 -3.02
C LEU A 470 -4.10 -2.95 -1.73
N ASP A 471 -3.09 -3.65 -1.21
CA ASP A 471 -2.37 -3.24 -0.01
C ASP A 471 -0.94 -2.90 -0.42
N ILE A 472 -0.71 -1.61 -0.71
CA ILE A 472 0.56 -1.11 -1.21
C ILE A 472 1.37 -0.52 -0.07
N PHE A 473 2.69 -0.63 -0.15
CA PHE A 473 3.54 0.05 0.82
C PHE A 473 3.49 1.56 0.61
N GLY A 474 3.31 2.29 1.71
CA GLY A 474 3.09 3.72 1.60
C GLY A 474 4.37 4.54 1.51
N PHE A 475 4.17 5.84 1.27
CA PHE A 475 5.28 6.79 1.24
C PHE A 475 6.13 6.65 2.49
N GLU A 476 7.45 6.65 2.30
CA GLU A 476 8.37 6.56 3.43
C GLU A 476 9.57 7.46 3.17
N VAL A 477 10.10 8.04 4.25
CA VAL A 477 11.23 8.95 4.18
C VAL A 477 12.16 8.63 5.34
N PHE A 478 13.45 8.49 5.03
CA PHE A 478 14.47 8.24 6.04
C PHE A 478 15.60 9.24 5.86
N LYS A 479 16.54 9.23 6.80
CA LYS A 479 17.73 10.05 6.67
C LYS A 479 18.55 9.66 5.46
N ASN A 480 18.48 8.38 5.08
CA ASN A 480 19.14 7.88 3.88
C ASN A 480 18.16 7.01 3.12
N ASN A 481 17.79 7.42 1.91
CA ASN A 481 16.79 6.74 1.10
C ASN A 481 17.48 6.09 -0.09
N SER A 482 17.52 4.76 -0.11
CA SER A 482 18.14 4.02 -1.19
C SER A 482 17.07 3.56 -2.18
N LEU A 483 17.43 2.59 -3.03
CA LEU A 483 16.53 2.15 -4.09
C LEU A 483 15.26 1.53 -3.52
N GLU A 484 15.33 0.96 -2.32
CA GLU A 484 14.15 0.40 -1.68
C GLU A 484 13.06 1.47 -1.51
N GLN A 485 13.45 2.65 -1.05
CA GLN A 485 12.50 3.75 -0.87
C GLN A 485 12.13 4.40 -2.18
N PHE A 486 13.04 4.41 -3.15
CA PHE A 486 12.77 5.04 -4.44
C PHE A 486 11.63 4.32 -5.17
N PHE A 487 11.68 2.99 -5.20
CA PHE A 487 10.62 2.22 -5.83
C PHE A 487 9.30 2.36 -5.07
N ILE A 488 9.36 2.36 -3.73
CA ILE A 488 8.15 2.43 -2.93
C ILE A 488 7.44 3.77 -3.13
N ASN A 489 8.22 4.87 -3.16
CA ASN A 489 7.62 6.18 -3.37
C ASN A 489 7.12 6.34 -4.81
N ILE A 490 7.73 5.63 -5.76
CA ILE A 490 7.25 5.69 -7.15
C ILE A 490 5.91 4.97 -7.28
N THR A 491 5.75 3.84 -6.58
CA THR A 491 4.47 3.16 -6.55
C THR A 491 3.38 4.07 -6.02
N ASN A 492 3.68 4.81 -4.95
CA ASN A 492 2.70 5.72 -4.37
C ASN A 492 2.37 6.87 -5.31
N GLU A 493 3.35 7.33 -6.10
CA GLU A 493 3.05 8.39 -7.07
C GLU A 493 2.15 7.86 -8.19
N MET A 494 2.41 6.64 -8.66
CA MET A 494 1.59 6.08 -9.73
C MET A 494 0.16 5.85 -9.26
N LEU A 495 -0.03 5.43 -8.02
CA LEU A 495 -1.38 5.26 -7.49
C LEU A 495 -2.13 6.59 -7.47
N GLN A 496 -1.45 7.67 -7.07
CA GLN A 496 -2.09 8.96 -7.03
C GLN A 496 -2.47 9.45 -8.43
N LYS A 497 -1.60 9.19 -9.41
CA LYS A 497 -1.95 9.51 -10.79
C LYS A 497 -3.18 8.72 -11.24
N ASN A 498 -3.25 7.44 -10.86
CA ASN A 498 -4.44 6.64 -11.15
C ASN A 498 -5.64 7.13 -10.36
N PHE A 499 -5.42 7.64 -9.14
CA PHE A 499 -6.50 8.22 -8.35
C PHE A 499 -7.04 9.49 -9.01
N VAL A 500 -6.15 10.41 -9.38
CA VAL A 500 -6.57 11.69 -9.93
C VAL A 500 -7.24 11.50 -11.29
N ASP A 501 -6.70 10.59 -12.10
CA ASP A 501 -7.27 10.34 -13.42
C ASP A 501 -8.68 9.78 -13.31
N ILE A 502 -8.90 8.83 -12.40
CA ILE A 502 -10.20 8.18 -12.28
C ILE A 502 -11.21 9.10 -11.60
N VAL A 503 -10.84 9.70 -10.48
CA VAL A 503 -11.82 10.42 -9.66
C VAL A 503 -12.06 11.83 -10.19
N PHE A 504 -11.03 12.48 -10.72
CA PHE A 504 -11.14 13.86 -11.17
C PHE A 504 -11.13 14.03 -12.69
N ASP A 505 -10.11 13.49 -13.36
CA ASP A 505 -9.98 13.70 -14.81
C ASP A 505 -11.09 12.99 -15.57
N ARG A 506 -11.27 11.69 -15.31
CA ARG A 506 -12.28 10.93 -16.04
C ARG A 506 -13.68 11.41 -15.70
N GLU A 507 -13.96 11.68 -14.42
CA GLU A 507 -15.30 12.07 -14.01
C GLU A 507 -15.69 13.42 -14.58
N SER A 508 -14.81 14.42 -14.46
CA SER A 508 -15.10 15.73 -15.01
C SER A 508 -15.31 15.66 -16.52
N LYS A 509 -14.50 14.85 -17.21
CA LYS A 509 -14.65 14.71 -18.65
C LYS A 509 -15.91 13.93 -19.00
N LEU A 510 -16.25 12.92 -18.20
CA LEU A 510 -17.43 12.10 -18.49
C LEU A 510 -18.70 12.92 -18.40
N TYR A 511 -18.83 13.75 -17.35
CA TYR A 511 -20.02 14.58 -17.20
C TYR A 511 -20.20 15.53 -18.38
N ARG A 512 -19.10 16.15 -18.83
CA ARG A 512 -19.17 17.05 -19.97
C ARG A 512 -19.54 16.30 -21.26
N ASP A 513 -18.96 15.12 -21.47
CA ASP A 513 -19.24 14.35 -22.68
C ASP A 513 -20.65 13.78 -22.67
N GLU A 514 -21.26 13.59 -21.50
CA GLU A 514 -22.64 13.14 -21.40
C GLU A 514 -23.64 14.28 -21.51
N GLY A 515 -23.19 15.53 -21.47
CA GLY A 515 -24.11 16.66 -21.45
C GLY A 515 -24.75 16.91 -20.11
N VAL A 516 -24.21 16.34 -19.04
CA VAL A 516 -24.82 16.48 -17.73
C VAL A 516 -24.41 17.78 -17.05
N SER A 517 -23.13 18.12 -17.11
CA SER A 517 -22.64 19.32 -16.45
C SER A 517 -21.33 19.76 -17.11
N SER A 518 -21.26 21.04 -17.46
CA SER A 518 -20.01 21.67 -17.89
C SER A 518 -19.46 22.43 -16.70
N LYS A 519 -18.45 21.85 -16.04
CA LYS A 519 -17.92 22.38 -14.79
C LYS A 519 -16.41 22.54 -14.88
N GLU A 520 -15.91 23.67 -14.37
CA GLU A 520 -14.47 23.98 -14.40
C GLU A 520 -13.79 23.38 -13.16
N LEU A 521 -13.74 22.06 -13.15
CA LEU A 521 -13.17 21.33 -12.02
C LEU A 521 -11.64 21.37 -12.11
N ILE A 522 -11.00 22.00 -11.12
CA ILE A 522 -9.55 22.17 -11.09
C ILE A 522 -9.01 21.44 -9.88
N PHE A 523 -7.83 20.86 -10.03
CA PHE A 523 -7.26 19.98 -9.01
C PHE A 523 -5.74 19.93 -9.19
N THR A 524 -5.08 19.19 -8.31
CA THR A 524 -3.64 18.99 -8.37
C THR A 524 -3.36 17.61 -8.96
N SER A 525 -2.58 17.60 -10.06
CA SER A 525 -2.13 16.37 -10.68
C SER A 525 -0.64 16.19 -10.46
N ASN A 526 -0.19 14.95 -10.58
CA ASN A 526 1.23 14.61 -10.49
C ASN A 526 1.75 14.08 -11.83
N ALA A 527 1.21 14.63 -12.93
CA ALA A 527 1.56 14.13 -14.25
C ALA A 527 3.00 14.46 -14.63
N GLU A 528 3.52 15.59 -14.15
CA GLU A 528 4.89 15.97 -14.51
C GLU A 528 5.92 15.15 -13.76
N VAL A 529 5.67 14.87 -12.48
CA VAL A 529 6.64 14.08 -11.71
C VAL A 529 6.61 12.62 -12.13
N ILE A 530 5.43 12.10 -12.51
CA ILE A 530 5.36 10.71 -12.96
C ILE A 530 5.96 10.52 -14.33
N LYS A 531 6.03 11.59 -15.14
CA LYS A 531 6.67 11.50 -16.45
C LYS A 531 8.19 11.45 -16.31
N ILE A 532 8.74 12.29 -15.44
CA ILE A 532 10.19 12.45 -15.35
C ILE A 532 10.76 11.29 -14.54
N LEU A 533 9.87 10.42 -14.08
CA LEU A 533 10.26 9.24 -13.30
C LEU A 533 10.06 7.93 -14.05
N THR A 534 8.97 7.79 -14.80
CA THR A 534 8.57 6.49 -15.32
C THR A 534 8.47 6.39 -16.83
N ALA A 535 8.72 7.48 -17.57
CA ALA A 535 8.52 7.47 -19.01
C ALA A 535 9.49 6.50 -19.68
N LYS A 536 9.20 6.17 -20.95
CA LYS A 536 10.08 5.30 -21.71
C LYS A 536 11.45 5.92 -21.88
N ASN A 537 11.51 7.21 -22.15
CA ASN A 537 12.74 7.96 -22.26
C ASN A 537 12.58 9.29 -21.51
N ASN A 538 13.72 9.93 -21.23
CA ASN A 538 13.76 11.19 -20.49
C ASN A 538 13.10 11.05 -19.11
N SER A 539 13.53 10.03 -18.37
CA SER A 539 13.04 9.79 -17.02
C SER A 539 14.13 9.10 -16.22
N VAL A 540 13.92 9.07 -14.90
CA VAL A 540 14.93 8.49 -14.00
C VAL A 540 15.02 6.98 -14.18
N LEU A 541 13.86 6.31 -14.22
CA LEU A 541 13.87 4.86 -14.41
C LEU A 541 14.41 4.47 -15.78
N ALA A 542 14.24 5.34 -16.78
CA ALA A 542 14.81 5.06 -18.10
C ALA A 542 16.33 5.22 -18.07
N ALA A 543 16.82 6.27 -17.42
CA ALA A 543 18.27 6.44 -17.29
C ALA A 543 18.88 5.35 -16.43
N LEU A 544 18.14 4.83 -15.46
CA LEU A 544 18.61 3.71 -14.66
C LEU A 544 18.71 2.44 -15.50
N GLU A 545 17.72 2.20 -16.37
CA GLU A 545 17.71 0.98 -17.17
C GLU A 545 18.85 0.97 -18.18
N ASP A 546 19.06 2.10 -18.86
CA ASP A 546 20.15 2.17 -19.85
C ASP A 546 21.51 2.00 -19.19
N GLN A 547 21.68 2.51 -17.97
CA GLN A 547 22.95 2.39 -17.28
C GLN A 547 23.25 0.94 -16.91
N CYS A 548 22.21 0.17 -16.56
CA CYS A 548 22.40 -1.23 -16.21
C CYS A 548 22.55 -2.12 -17.44
N LEU A 549 22.15 -1.65 -18.61
CA LEU A 549 22.32 -2.40 -19.85
C LEU A 549 23.70 -2.21 -20.47
N ALA A 550 24.53 -1.33 -19.91
CA ALA A 550 25.88 -1.04 -20.38
C ALA A 550 26.88 -2.03 -19.78
N PRO A 551 27.97 -2.32 -20.49
CA PRO A 551 29.01 -3.19 -19.91
C PRO A 551 29.66 -2.55 -18.70
N GLY A 552 30.11 -1.31 -18.85
CA GLY A 552 30.66 -0.55 -17.75
C GLY A 552 29.71 0.56 -17.32
N GLY A 553 29.16 0.45 -16.12
CA GLY A 553 28.20 1.43 -15.64
C GLY A 553 28.51 1.83 -14.21
N SER A 554 28.10 3.04 -13.86
CA SER A 554 28.33 3.60 -12.53
C SER A 554 27.05 4.23 -12.00
N ASP A 555 26.99 4.35 -10.68
CA ASP A 555 25.88 5.07 -10.05
C ASP A 555 25.95 6.55 -10.37
N GLU A 556 27.17 7.10 -10.41
CA GLU A 556 27.36 8.51 -10.70
C GLU A 556 27.11 8.84 -12.17
N LYS A 557 27.42 7.93 -13.08
CA LYS A 557 27.11 8.15 -14.49
C LYS A 557 25.60 8.05 -14.73
N PHE A 558 24.89 7.28 -13.92
CA PHE A 558 23.43 7.25 -14.01
C PHE A 558 22.83 8.56 -13.54
N LEU A 559 23.34 9.12 -12.45
CA LEU A 559 22.85 10.42 -12.00
C LEU A 559 23.30 11.53 -12.95
N SER A 560 24.41 11.33 -13.65
CA SER A 560 24.88 12.34 -14.59
C SER A 560 23.94 12.46 -15.78
N THR A 561 23.54 11.33 -16.37
CA THR A 561 22.61 11.38 -17.49
C THR A 561 21.21 11.85 -17.06
N CYS A 562 20.86 11.68 -15.78
CA CYS A 562 19.60 12.26 -15.30
C CYS A 562 19.67 13.78 -15.25
N LYS A 563 20.84 14.34 -14.93
CA LYS A 563 20.98 15.77 -14.79
C LYS A 563 20.78 16.52 -16.10
N ASN A 564 20.90 15.83 -17.25
CA ASN A 564 20.84 16.51 -18.53
C ASN A 564 19.94 15.84 -19.57
N ALA A 565 19.47 14.62 -19.36
CA ALA A 565 18.49 14.03 -20.27
C ALA A 565 17.30 14.97 -20.43
N LEU A 566 16.75 15.40 -19.30
CA LEU A 566 15.82 16.53 -19.25
C LEU A 566 16.05 17.24 -17.93
N LYS A 567 16.51 18.49 -18.00
CA LYS A 567 16.67 19.30 -16.81
C LYS A 567 15.70 20.47 -16.77
N GLY A 568 14.82 20.58 -17.76
CA GLY A 568 13.83 21.64 -17.79
C GLY A 568 12.59 21.31 -16.99
N THR A 569 12.78 20.70 -15.81
CA THR A 569 11.67 20.32 -14.96
C THR A 569 12.07 20.55 -13.51
N THR A 570 11.19 21.19 -12.74
CA THR A 570 11.42 21.42 -11.32
C THR A 570 11.16 20.19 -10.47
N LYS A 571 10.69 19.10 -11.06
CA LYS A 571 10.40 17.90 -10.29
C LYS A 571 11.67 17.09 -9.98
N PHE A 572 12.68 17.16 -10.85
CA PHE A 572 13.99 16.58 -10.59
C PHE A 572 15.00 17.68 -10.37
N LYS A 573 15.78 17.55 -9.29
CA LYS A 573 16.77 18.56 -8.93
C LYS A 573 17.99 17.89 -8.32
N PRO A 574 19.19 18.34 -8.65
CA PRO A 574 20.38 17.86 -7.95
C PRO A 574 20.35 18.30 -6.49
N ALA A 575 20.67 17.38 -5.60
CA ALA A 575 20.65 17.66 -4.18
C ALA A 575 21.65 18.75 -3.81
N LYS A 576 21.33 19.50 -2.75
CA LYS A 576 22.21 20.56 -2.29
C LYS A 576 23.45 20.05 -1.58
N VAL A 577 23.42 18.84 -1.04
CA VAL A 577 24.56 18.25 -0.34
C VAL A 577 25.05 17.05 -1.13
N SER A 578 26.33 17.06 -1.49
CA SER A 578 26.95 15.98 -2.25
C SER A 578 26.16 15.66 -3.52
N PRO A 579 26.10 16.58 -4.48
CA PRO A 579 25.23 16.41 -5.64
C PRO A 579 25.72 15.42 -6.68
N ASN A 580 26.88 14.78 -6.47
CA ASN A 580 27.36 13.80 -7.45
C ASN A 580 26.66 12.46 -7.29
N ILE A 581 26.23 12.12 -6.08
CA ILE A 581 25.52 10.87 -5.83
C ILE A 581 24.12 11.08 -5.27
N ASN A 582 23.83 12.25 -4.69
CA ASN A 582 22.52 12.53 -4.10
C ASN A 582 21.66 13.33 -5.06
N PHE A 583 20.38 12.97 -5.11
CA PHE A 583 19.38 13.72 -5.86
C PHE A 583 18.08 13.69 -5.08
N LEU A 584 17.19 14.63 -5.40
CA LEU A 584 15.92 14.72 -4.70
C LEU A 584 14.78 14.95 -5.68
N ILE A 585 13.61 14.42 -5.35
CA ILE A 585 12.41 14.52 -6.16
C ILE A 585 11.39 15.35 -5.42
N SER A 586 10.64 16.17 -6.16
CA SER A 586 9.54 16.95 -5.59
C SER A 586 8.28 16.12 -5.68
N HIS A 587 8.06 15.28 -4.67
CA HIS A 587 6.92 14.36 -4.66
C HIS A 587 5.64 15.10 -4.30
N THR A 588 4.52 14.35 -4.33
CA THR A 588 3.23 14.91 -3.95
C THR A 588 3.10 15.08 -2.43
N VAL A 589 3.96 14.43 -1.66
CA VAL A 589 3.91 14.50 -0.20
C VAL A 589 5.04 15.37 0.35
N GLY A 590 5.81 16.02 -0.52
CA GLY A 590 6.93 16.85 -0.15
C GLY A 590 8.13 16.54 -1.02
N ASP A 591 9.29 17.00 -0.58
CA ASP A 591 10.55 16.71 -1.27
C ASP A 591 11.30 15.60 -0.53
N ILE A 592 11.82 14.64 -1.29
CA ILE A 592 12.52 13.48 -0.74
C ILE A 592 13.87 13.36 -1.43
N GLN A 593 14.93 13.26 -0.65
CA GLN A 593 16.29 13.17 -1.17
C GLN A 593 16.74 11.72 -1.20
N TYR A 594 17.16 11.25 -2.37
CA TYR A 594 17.70 9.92 -2.55
C TYR A 594 19.20 10.00 -2.84
N ASN A 595 19.87 8.86 -2.68
CA ASN A 595 21.30 8.74 -2.97
C ASN A 595 21.51 7.50 -3.82
N ALA A 596 22.20 7.66 -4.94
CA ALA A 596 22.28 6.63 -5.97
C ALA A 596 23.31 5.56 -5.68
N GLU A 597 24.07 5.66 -4.58
CA GLU A 597 25.10 4.67 -4.27
C GLU A 597 24.48 3.29 -4.10
N GLY A 598 24.81 2.37 -5.01
CA GLY A 598 24.26 1.03 -4.99
C GLY A 598 23.06 0.82 -5.88
N PHE A 599 22.65 1.83 -6.65
CA PHE A 599 21.47 1.69 -7.50
C PHE A 599 21.66 0.57 -8.51
N LEU A 600 22.78 0.58 -9.24
CA LEU A 600 23.02 -0.44 -10.27
C LEU A 600 23.14 -1.82 -9.64
N PHE A 601 23.88 -1.94 -8.54
CA PHE A 601 24.05 -3.24 -7.89
C PHE A 601 22.73 -3.79 -7.38
N LYS A 602 21.88 -2.93 -6.82
CA LYS A 602 20.59 -3.39 -6.31
C LYS A 602 19.58 -3.60 -7.43
N ASN A 603 19.67 -2.82 -8.52
CA ASN A 603 18.72 -3.00 -9.62
C ASN A 603 19.02 -4.25 -10.43
N LYS A 604 20.28 -4.70 -10.42
CA LYS A 604 20.69 -5.91 -11.11
C LYS A 604 20.81 -7.10 -10.16
N ASP A 605 20.14 -7.03 -9.00
CA ASP A 605 20.23 -8.08 -7.98
C ASP A 605 19.33 -9.24 -8.40
N VAL A 606 19.84 -10.03 -9.35
CA VAL A 606 19.20 -11.28 -9.75
C VAL A 606 20.21 -12.39 -9.56
N LEU A 607 19.73 -13.56 -9.15
CA LEU A 607 20.61 -14.70 -8.97
C LEU A 607 21.17 -15.13 -10.31
N ARG A 608 22.49 -15.31 -10.38
CA ARG A 608 23.14 -15.68 -11.63
C ARG A 608 22.60 -17.01 -12.14
N ALA A 609 22.62 -17.17 -13.47
CA ALA A 609 22.13 -18.40 -14.07
C ALA A 609 22.94 -19.60 -13.60
N GLU A 610 24.26 -19.44 -13.50
CA GLU A 610 25.12 -20.55 -13.10
C GLU A 610 24.88 -20.96 -11.65
N ILE A 611 24.43 -20.03 -10.81
CA ILE A 611 24.06 -20.36 -9.43
C ILE A 611 22.62 -20.84 -9.36
N MET A 612 21.72 -20.23 -10.14
CA MET A 612 20.32 -20.63 -10.14
C MET A 612 20.14 -22.06 -10.61
N GLU A 613 20.91 -22.47 -11.63
CA GLU A 613 20.81 -23.83 -12.13
C GLU A 613 21.31 -24.86 -11.14
N ILE A 614 22.03 -24.45 -10.09
CA ILE A 614 22.43 -25.38 -9.05
C ILE A 614 21.30 -25.61 -8.06
N VAL A 615 20.63 -24.53 -7.63
CA VAL A 615 19.50 -24.67 -6.73
C VAL A 615 18.29 -25.30 -7.45
N GLN A 616 18.27 -25.24 -8.78
CA GLN A 616 17.22 -25.94 -9.52
C GLN A 616 17.44 -27.44 -9.48
N GLN A 617 18.70 -27.88 -9.50
CA GLN A 617 19.05 -29.29 -9.48
C GLN A 617 19.13 -29.85 -8.07
N SER A 618 18.54 -29.17 -7.09
CA SER A 618 18.48 -29.69 -5.73
C SER A 618 17.54 -30.89 -5.67
N LYS A 619 17.90 -31.87 -4.84
CA LYS A 619 17.04 -33.03 -4.64
C LYS A 619 15.92 -32.77 -3.63
N ASN A 620 15.88 -31.57 -3.05
CA ASN A 620 14.83 -31.19 -2.11
C ASN A 620 13.65 -30.62 -2.89
N PRO A 621 12.41 -31.06 -2.60
CA PRO A 621 11.28 -30.68 -3.47
C PRO A 621 10.99 -29.19 -3.51
N VAL A 622 10.93 -28.52 -2.36
CA VAL A 622 10.56 -27.10 -2.36
C VAL A 622 11.67 -26.25 -2.95
N VAL A 623 12.93 -26.59 -2.65
CA VAL A 623 14.05 -25.84 -3.21
C VAL A 623 14.08 -25.98 -4.74
N ALA A 624 13.77 -27.17 -5.24
CA ALA A 624 13.76 -27.39 -6.69
C ALA A 624 12.66 -26.61 -7.38
N GLN A 625 11.61 -26.19 -6.66
CA GLN A 625 10.51 -25.46 -7.24
C GLN A 625 10.67 -23.95 -7.11
N LEU A 626 11.65 -23.47 -6.35
CA LEU A 626 11.80 -22.03 -6.15
C LEU A 626 12.07 -21.32 -7.47
N PHE A 627 12.94 -21.88 -8.31
CA PHE A 627 13.29 -21.30 -9.60
C PHE A 627 12.85 -22.19 -10.75
N ALA A 628 11.79 -22.97 -10.55
CA ALA A 628 11.37 -23.95 -11.54
C ALA A 628 10.89 -23.29 -12.82
N GLY A 629 11.30 -23.85 -13.96
CA GLY A 629 10.85 -23.39 -15.25
C GLY A 629 11.62 -22.23 -15.84
N ILE A 630 12.59 -21.68 -15.13
CA ILE A 630 13.33 -20.50 -15.57
C ILE A 630 14.60 -20.94 -16.28
N VAL A 631 14.94 -20.25 -17.36
CA VAL A 631 16.20 -20.51 -18.07
C VAL A 631 16.97 -19.20 -18.23
N GLY A 640 15.93 -6.21 -19.44
CA GLY A 640 14.98 -7.31 -19.48
C GLY A 640 14.58 -7.81 -18.12
N GLN A 641 15.49 -8.50 -17.44
CA GLN A 641 15.24 -9.07 -16.13
C GLN A 641 15.81 -8.21 -15.00
N LEU A 642 15.92 -6.90 -15.22
CA LEU A 642 16.27 -5.99 -14.15
C LEU A 642 15.04 -5.71 -13.31
N ILE A 643 15.27 -5.37 -12.04
CA ILE A 643 14.14 -5.17 -11.12
C ILE A 643 13.27 -4.00 -11.58
N GLY A 644 13.89 -2.84 -11.83
CA GLY A 644 13.12 -1.66 -12.18
C GLY A 644 12.29 -1.82 -13.44
N SER A 645 12.75 -2.63 -14.39
CA SER A 645 12.01 -2.87 -15.62
C SER A 645 10.93 -3.93 -15.46
N GLN A 646 11.21 -5.02 -14.75
CA GLN A 646 10.23 -6.07 -14.52
C GLN A 646 9.22 -5.70 -13.45
N PHE A 647 9.47 -4.62 -12.70
CA PHE A 647 8.57 -4.15 -11.66
C PHE A 647 7.63 -3.06 -12.15
N LEU A 648 8.10 -2.16 -13.02
CA LEU A 648 7.20 -1.21 -13.65
C LEU A 648 6.27 -1.90 -14.64
N SER A 649 6.73 -2.97 -15.28
CA SER A 649 5.87 -3.72 -16.19
C SER A 649 4.73 -4.38 -15.42
N GLN A 650 5.02 -4.94 -14.24
CA GLN A 650 3.97 -5.54 -13.43
C GLN A 650 3.00 -4.49 -12.92
N LEU A 651 3.50 -3.28 -12.62
CA LEU A 651 2.62 -2.21 -12.19
C LEU A 651 1.63 -1.82 -13.28
N GLN A 652 2.10 -1.71 -14.52
CA GLN A 652 1.21 -1.43 -15.63
C GLN A 652 0.19 -2.55 -15.81
N SER A 653 0.65 -3.80 -15.75
CA SER A 653 -0.26 -4.94 -15.85
C SER A 653 -1.31 -4.92 -14.76
N LEU A 654 -0.91 -4.53 -13.54
CA LEU A 654 -1.87 -4.40 -12.44
C LEU A 654 -2.75 -3.17 -12.58
N MET A 655 -2.22 -2.09 -13.15
CA MET A 655 -3.03 -0.90 -13.39
C MET A 655 -4.11 -1.18 -14.44
N GLU A 656 -3.81 -2.02 -15.43
CA GLU A 656 -4.80 -2.35 -16.45
C GLU A 656 -5.91 -3.22 -15.89
N LEU A 657 -5.57 -4.16 -15.01
CA LEU A 657 -6.59 -5.01 -14.38
C LEU A 657 -7.49 -4.19 -13.48
N ILE A 658 -6.90 -3.33 -12.64
CA ILE A 658 -7.67 -2.59 -11.65
C ILE A 658 -8.61 -1.59 -12.33
N ASN A 659 -8.14 -0.94 -13.41
CA ASN A 659 -8.98 0.03 -14.09
C ASN A 659 -10.12 -0.60 -14.88
N SER A 660 -10.16 -1.93 -14.99
CA SER A 660 -11.33 -2.62 -15.50
C SER A 660 -12.38 -2.85 -14.41
N THR A 661 -12.12 -2.39 -13.20
CA THR A 661 -13.03 -2.54 -12.07
C THR A 661 -13.44 -1.17 -11.55
N GLU A 662 -14.45 -1.15 -10.69
CA GLU A 662 -14.91 0.09 -10.07
C GLU A 662 -14.14 0.32 -8.76
N PRO A 663 -13.40 1.41 -8.64
CA PRO A 663 -12.52 1.58 -7.48
C PRO A 663 -13.20 2.25 -6.29
N HIS A 664 -12.74 1.87 -5.11
CA HIS A 664 -13.15 2.49 -3.85
C HIS A 664 -11.88 2.85 -3.08
N PHE A 665 -11.78 4.10 -2.66
CA PHE A 665 -10.54 4.65 -2.11
C PHE A 665 -10.67 4.90 -0.61
N ILE A 666 -9.71 4.38 0.15
CA ILE A 666 -9.58 4.65 1.58
C ILE A 666 -8.30 5.45 1.78
N ARG A 667 -8.43 6.62 2.40
CA ARG A 667 -7.30 7.50 2.64
C ARG A 667 -6.87 7.36 4.10
N CYS A 668 -5.76 6.67 4.33
CA CYS A 668 -5.24 6.46 5.67
C CYS A 668 -4.28 7.58 6.04
N ILE A 669 -4.44 8.12 7.24
CA ILE A 669 -3.67 9.28 7.70
C ILE A 669 -3.05 8.94 9.04
N LYS A 670 -1.76 9.25 9.19
CA LYS A 670 -1.08 9.08 10.47
C LYS A 670 -1.07 10.41 11.21
N PRO A 671 -1.70 10.50 12.39
CA PRO A 671 -1.85 11.81 13.04
C PRO A 671 -0.61 12.30 13.77
N ASN A 672 0.34 11.43 14.08
CA ASN A 672 1.54 11.84 14.79
C ASN A 672 2.69 10.95 14.37
N ASP A 673 3.91 11.38 14.70
CA ASP A 673 5.12 10.64 14.41
C ASP A 673 5.59 9.79 15.59
N THR A 674 4.99 9.94 16.76
CA THR A 674 5.40 9.23 17.96
C THR A 674 4.61 7.96 18.21
N LYS A 675 3.61 7.65 17.37
CA LYS A 675 2.79 6.45 17.50
C LYS A 675 2.06 6.40 18.85
N LYS A 676 1.79 7.55 19.44
CA LYS A 676 1.05 7.75 20.68
C LYS A 676 -0.44 7.91 20.39
N PRO A 677 -1.30 7.22 21.13
CA PRO A 677 -2.75 7.43 20.97
C PRO A 677 -3.16 8.81 21.45
N LEU A 678 -4.17 9.36 20.78
CA LEU A 678 -4.72 10.69 21.03
C LEU A 678 -3.69 11.80 20.83
N ASP A 679 -2.58 11.51 20.16
CA ASP A 679 -1.55 12.51 19.88
C ASP A 679 -1.84 13.13 18.52
N TRP A 680 -2.04 14.43 18.49
CA TRP A 680 -2.53 15.13 17.30
C TRP A 680 -1.53 16.20 16.89
N VAL A 681 -1.01 16.08 15.67
CA VAL A 681 -0.11 17.09 15.10
C VAL A 681 -0.82 17.73 13.92
N PRO A 682 -1.36 18.95 14.07
CA PRO A 682 -2.10 19.56 12.96
C PRO A 682 -1.28 19.75 11.70
N SER A 683 0.02 20.07 11.84
CA SER A 683 0.85 20.28 10.67
C SER A 683 1.01 19.00 9.86
N LYS A 684 1.15 17.86 10.53
CA LYS A 684 1.25 16.59 9.81
C LYS A 684 -0.10 16.20 9.20
N MET A 685 -1.19 16.46 9.90
CA MET A 685 -2.52 16.17 9.36
C MET A 685 -2.76 16.95 8.07
N LEU A 686 -2.36 18.23 8.05
CA LEU A 686 -2.63 19.07 6.88
C LEU A 686 -1.80 18.63 5.68
N ILE A 687 -0.58 18.14 5.90
CA ILE A 687 0.25 17.67 4.81
C ILE A 687 -0.41 16.47 4.11
N GLN A 688 -0.96 15.55 4.89
CA GLN A 688 -1.57 14.35 4.31
C GLN A 688 -2.93 14.64 3.70
N LEU A 689 -3.64 15.65 4.21
CA LEU A 689 -4.93 16.02 3.62
C LEU A 689 -4.75 16.59 2.22
N HIS A 690 -3.67 17.34 2.00
CA HIS A 690 -3.37 17.83 0.65
C HIS A 690 -2.87 16.70 -0.24
N ALA A 691 -2.01 15.83 0.31
CA ALA A 691 -1.43 14.75 -0.49
C ALA A 691 -2.50 13.76 -0.96
N LEU A 692 -3.38 13.35 -0.05
CA LEU A 692 -4.44 12.41 -0.39
C LEU A 692 -5.64 13.08 -1.05
N SER A 693 -5.57 14.39 -1.30
CA SER A 693 -6.60 15.14 -2.00
C SER A 693 -7.95 15.07 -1.29
N VAL A 694 -7.93 14.98 0.04
CA VAL A 694 -9.18 14.94 0.80
C VAL A 694 -9.89 16.29 0.71
N LEU A 695 -9.13 17.38 0.78
CA LEU A 695 -9.73 18.71 0.63
C LEU A 695 -10.22 18.94 -0.79
N GLU A 696 -9.39 18.59 -1.78
CA GLU A 696 -9.77 18.79 -3.18
C GLU A 696 -10.96 17.92 -3.59
N ALA A 697 -11.25 16.86 -2.82
CA ALA A 697 -12.40 16.04 -3.13
C ALA A 697 -13.68 16.86 -3.12
N LEU A 698 -13.85 17.72 -2.12
CA LEU A 698 -15.10 18.44 -1.87
C LEU A 698 -15.66 19.12 -3.12
N GLN A 699 -14.85 19.30 -4.17
CA GLN A 699 -15.38 19.83 -5.42
C GLN A 699 -16.40 18.87 -6.05
N LEU A 700 -16.28 17.57 -5.75
CA LEU A 700 -17.11 16.56 -6.41
C LEU A 700 -18.60 16.72 -6.09
N ARG A 701 -18.94 17.35 -4.96
CA ARG A 701 -20.35 17.65 -4.69
C ARG A 701 -20.90 18.62 -5.72
N GLN A 702 -20.07 19.55 -6.19
CA GLN A 702 -20.51 20.48 -7.23
C GLN A 702 -20.63 19.80 -8.59
N LEU A 703 -20.05 18.61 -8.75
CA LEU A 703 -20.12 17.88 -10.01
C LEU A 703 -21.38 17.01 -10.04
N GLY A 704 -22.52 17.69 -10.01
CA GLY A 704 -23.81 17.06 -10.23
C GLY A 704 -24.17 15.89 -9.34
N TYR A 705 -24.12 14.69 -9.90
CA TYR A 705 -24.72 13.50 -9.32
C TYR A 705 -23.65 12.54 -8.81
N SER A 706 -24.09 11.60 -7.96
CA SER A 706 -23.19 10.63 -7.35
C SER A 706 -23.28 9.24 -7.98
N TYR A 707 -24.37 8.94 -8.69
CA TYR A 707 -24.56 7.66 -9.36
C TYR A 707 -24.58 7.91 -10.86
N ARG A 708 -23.78 7.14 -11.60
CA ARG A 708 -23.70 7.27 -13.05
C ARG A 708 -23.42 5.90 -13.63
N ARG A 709 -24.41 5.33 -14.31
CA ARG A 709 -24.32 3.99 -14.84
C ARG A 709 -25.01 3.93 -16.19
N PRO A 710 -24.49 3.13 -17.13
CA PRO A 710 -25.14 3.02 -18.44
C PRO A 710 -26.57 2.52 -18.33
N PHE A 711 -27.32 2.73 -19.42
CA PHE A 711 -28.73 2.37 -19.43
C PHE A 711 -28.93 0.88 -19.16
N LYS A 712 -28.13 0.02 -19.79
CA LYS A 712 -28.30 -1.41 -19.64
C LYS A 712 -27.99 -1.86 -18.21
N GLU A 713 -26.94 -1.32 -17.61
CA GLU A 713 -26.62 -1.64 -16.22
C GLU A 713 -27.72 -1.17 -15.28
N PHE A 714 -28.21 0.05 -15.48
CA PHE A 714 -29.26 0.60 -14.62
C PHE A 714 -30.53 -0.24 -14.70
N LEU A 715 -30.91 -0.65 -15.91
CA LEU A 715 -32.11 -1.46 -16.08
C LEU A 715 -31.97 -2.82 -15.41
N PHE A 716 -30.73 -3.33 -15.30
CA PHE A 716 -30.52 -4.60 -14.61
C PHE A 716 -30.49 -4.40 -13.10
N GLN A 717 -29.93 -3.28 -12.62
CA GLN A 717 -29.78 -3.07 -11.19
C GLN A 717 -31.13 -2.90 -10.50
N PHE A 718 -32.06 -2.21 -11.15
CA PHE A 718 -33.39 -1.96 -10.58
C PHE A 718 -34.48 -2.54 -11.48
N LYS A 719 -34.29 -3.78 -11.93
CA LYS A 719 -35.19 -4.34 -12.94
C LYS A 719 -36.60 -4.57 -12.42
N PHE A 720 -36.74 -4.84 -11.11
CA PHE A 720 -38.04 -5.19 -10.57
C PHE A 720 -38.95 -3.98 -10.34
N ILE A 721 -38.44 -2.76 -10.54
CA ILE A 721 -39.31 -1.59 -10.41
C ILE A 721 -40.36 -1.58 -11.51
N ASP A 722 -39.96 -1.88 -12.74
CA ASP A 722 -40.90 -2.05 -13.85
C ASP A 722 -40.32 -3.13 -14.76
N LEU A 723 -40.74 -4.38 -14.54
CA LEU A 723 -40.22 -5.50 -15.30
C LEU A 723 -40.61 -5.42 -16.77
N SER A 724 -41.79 -4.86 -17.07
CA SER A 724 -42.19 -4.68 -18.47
C SER A 724 -41.30 -3.68 -19.19
N ALA A 725 -40.65 -2.78 -18.46
CA ALA A 725 -39.74 -1.82 -19.07
C ALA A 725 -38.29 -2.28 -19.06
N SER A 726 -37.90 -3.12 -18.10
CA SER A 726 -36.52 -3.54 -17.99
C SER A 726 -36.21 -4.83 -18.75
N GLU A 727 -37.16 -5.75 -18.85
CA GLU A 727 -36.94 -7.04 -19.48
C GLU A 727 -37.55 -7.12 -20.87
N ASN A 728 -37.82 -5.98 -21.50
CA ASN A 728 -38.38 -5.95 -22.85
C ASN A 728 -37.25 -5.81 -23.85
N PRO A 729 -36.97 -6.82 -24.69
CA PRO A 729 -35.84 -6.71 -25.62
C PRO A 729 -36.09 -5.81 -26.81
N ASN A 730 -37.36 -5.49 -27.11
CA ASN A 730 -37.70 -4.66 -28.27
C ASN A 730 -37.83 -3.19 -27.94
N LEU A 731 -37.09 -2.72 -26.93
CA LEU A 731 -37.19 -1.34 -26.47
C LEU A 731 -35.84 -0.65 -26.53
N ASP A 732 -35.88 0.68 -26.61
CA ASP A 732 -34.66 1.48 -26.56
C ASP A 732 -34.25 1.69 -25.11
N PRO A 733 -32.99 1.41 -24.74
CA PRO A 733 -32.61 1.47 -23.32
C PRO A 733 -32.79 2.83 -22.68
N LYS A 734 -32.66 3.92 -23.44
CA LYS A 734 -32.90 5.24 -22.85
C LYS A 734 -34.38 5.46 -22.57
N GLU A 735 -35.25 5.01 -23.47
CA GLU A 735 -36.68 5.09 -23.21
C GLU A 735 -37.10 4.08 -22.15
N ALA A 736 -36.49 2.90 -22.14
CA ALA A 736 -36.81 1.89 -21.13
C ALA A 736 -36.39 2.37 -19.74
N ALA A 737 -35.22 3.00 -19.64
CA ALA A 737 -34.80 3.57 -18.36
C ALA A 737 -35.74 4.69 -17.93
N LEU A 738 -36.15 5.54 -18.87
CA LEU A 738 -37.11 6.59 -18.55
C LEU A 738 -38.44 6.02 -18.13
N ARG A 739 -38.89 4.96 -18.81
CA ARG A 739 -40.13 4.30 -18.41
C ARG A 739 -40.00 3.69 -17.01
N LEU A 740 -38.83 3.13 -16.70
CA LEU A 740 -38.62 2.58 -15.37
C LEU A 740 -38.51 3.68 -14.33
N LEU A 741 -37.80 4.77 -14.66
CA LEU A 741 -37.71 5.90 -13.74
C LEU A 741 -39.06 6.53 -13.50
N LYS A 742 -39.86 6.70 -14.57
CA LYS A 742 -41.20 7.26 -14.41
C LYS A 742 -42.15 6.30 -13.70
N SER A 743 -41.86 4.99 -13.73
CA SER A 743 -42.64 4.07 -12.91
C SER A 743 -42.21 4.12 -11.45
N SER A 744 -40.95 4.47 -11.18
CA SER A 744 -40.50 4.61 -9.80
C SER A 744 -41.04 5.87 -9.15
N LYS A 745 -41.55 6.81 -9.93
CA LYS A 745 -42.05 8.10 -9.44
C LYS A 745 -40.99 8.85 -8.65
N LEU A 746 -39.72 8.66 -9.02
CA LEU A 746 -38.65 9.46 -8.45
C LEU A 746 -38.78 10.90 -8.92
N PRO A 747 -38.64 11.87 -8.03
CA PRO A 747 -38.78 13.28 -8.43
C PRO A 747 -37.78 13.66 -9.52
N SER A 748 -38.17 14.65 -10.32
CA SER A 748 -37.42 14.97 -11.54
C SER A 748 -36.00 15.41 -11.23
N GLU A 749 -35.82 16.20 -10.17
CA GLU A 749 -34.49 16.73 -9.85
C GLU A 749 -33.55 15.67 -9.29
N GLU A 750 -34.01 14.46 -9.02
CA GLU A 750 -33.18 13.43 -8.43
C GLU A 750 -32.56 12.50 -9.47
N TYR A 751 -32.65 12.83 -10.76
CA TYR A 751 -32.01 12.03 -11.79
C TYR A 751 -31.90 12.85 -13.07
N GLN A 752 -31.10 12.33 -14.01
CA GLN A 752 -30.91 12.96 -15.30
C GLN A 752 -30.43 11.91 -16.28
N LEU A 753 -30.73 12.12 -17.57
CA LEU A 753 -30.37 11.19 -18.63
C LEU A 753 -29.29 11.82 -19.50
N GLY A 754 -28.09 11.24 -19.47
CA GLY A 754 -27.03 11.64 -20.36
C GLY A 754 -27.22 11.04 -21.74
N LYS A 755 -26.18 11.21 -22.57
CA LYS A 755 -26.24 10.68 -23.93
C LYS A 755 -26.26 9.15 -23.92
N THR A 756 -25.52 8.52 -23.01
CA THR A 756 -25.51 7.07 -22.93
C THR A 756 -25.52 6.53 -21.50
N MET A 757 -25.75 7.39 -20.51
CA MET A 757 -25.82 6.96 -19.12
C MET A 757 -26.96 7.68 -18.42
N VAL A 758 -27.43 7.08 -17.33
CA VAL A 758 -28.46 7.68 -16.49
C VAL A 758 -27.79 8.12 -15.19
N PHE A 759 -27.76 9.42 -14.96
CA PHE A 759 -27.21 10.01 -13.75
C PHE A 759 -28.33 10.26 -12.76
N LEU A 760 -28.02 10.10 -11.47
CA LEU A 760 -28.99 10.41 -10.43
C LEU A 760 -28.25 10.69 -9.14
N LYS A 761 -28.91 11.46 -8.26
CA LYS A 761 -28.27 11.96 -7.05
C LYS A 761 -28.20 10.88 -5.98
N GLN A 762 -27.54 11.23 -4.87
CA GLN A 762 -27.43 10.30 -3.74
C GLN A 762 -28.79 9.97 -3.15
N THR A 763 -29.74 10.91 -3.24
CA THR A 763 -31.08 10.65 -2.73
C THR A 763 -31.85 9.71 -3.64
N GLY A 764 -31.61 9.78 -4.95
CA GLY A 764 -32.34 8.93 -5.88
C GLY A 764 -31.89 7.48 -5.82
N ALA A 765 -30.59 7.25 -5.59
CA ALA A 765 -30.08 5.89 -5.51
C ALA A 765 -30.63 5.18 -4.27
N LYS A 766 -30.74 5.91 -3.16
CA LYS A 766 -31.30 5.32 -1.95
C LYS A 766 -32.73 4.85 -2.18
N GLU A 767 -33.53 5.64 -2.90
CA GLU A 767 -34.95 5.34 -3.03
C GLU A 767 -35.19 4.15 -3.96
N LEU A 768 -34.48 4.10 -5.09
CA LEU A 768 -34.67 2.99 -6.03
C LEU A 768 -34.30 1.66 -5.38
N THR A 769 -33.22 1.63 -4.62
CA THR A 769 -32.85 0.41 -3.89
C THR A 769 -33.93 0.01 -2.89
N GLN A 770 -34.62 0.99 -2.30
CA GLN A 770 -35.69 0.68 -1.36
C GLN A 770 -36.94 0.19 -2.08
N ILE A 771 -37.29 0.84 -3.20
CA ILE A 771 -38.51 0.47 -3.93
C ILE A 771 -38.45 -0.97 -4.39
N GLN A 772 -37.26 -1.51 -4.61
CA GLN A 772 -37.13 -2.94 -4.89
C GLN A 772 -37.45 -3.75 -3.64
N ARG A 773 -38.72 -3.72 -3.24
CA ARG A 773 -39.22 -4.48 -2.10
C ARG A 773 -40.38 -5.38 -2.46
N GLU A 774 -40.91 -5.29 -3.67
CA GLU A 774 -42.03 -6.11 -4.09
C GLU A 774 -41.66 -7.59 -4.08
N CYS A 775 -42.64 -8.43 -3.73
CA CYS A 775 -42.44 -9.86 -3.60
C CYS A 775 -43.03 -10.57 -4.81
N LEU A 776 -42.19 -11.26 -5.58
CA LEU A 776 -42.61 -11.96 -6.78
C LEU A 776 -42.80 -13.43 -6.45
N SER A 777 -44.05 -13.87 -6.41
CA SER A 777 -44.41 -15.28 -6.22
C SER A 777 -43.64 -15.95 -5.08
#